data_6BAM
#
_entry.id   6BAM
#
_entity_poly.entity_id   1
_entity_poly.type   'polypeptide(L)'
_entity_poly.pdbx_seq_one_letter_code
;GSACQFWSCNSSCISRGYRQGKCWGIQYKYCQCQ
;
_entity_poly.pdbx_strand_id   A
#
# COMPACT_ATOMS: atom_id res chain seq x y z
N GLY A 1 7.79 12.52 -6.33
CA GLY A 1 6.36 12.24 -6.10
C GLY A 1 6.19 11.01 -5.24
N SER A 2 5.10 10.27 -5.42
CA SER A 2 4.91 8.96 -4.78
C SER A 2 5.82 7.87 -5.36
N ALA A 3 6.10 6.80 -4.60
CA ALA A 3 7.09 5.77 -4.94
C ALA A 3 6.59 4.32 -4.68
N CYS A 4 5.28 4.12 -4.66
CA CYS A 4 4.61 2.83 -4.48
C CYS A 4 4.71 1.95 -5.75
N GLN A 5 5.00 0.66 -5.56
CA GLN A 5 5.17 -0.31 -6.66
C GLN A 5 3.84 -0.88 -7.17
N PHE A 6 3.90 -1.78 -8.16
CA PHE A 6 2.78 -2.48 -8.77
C PHE A 6 1.86 -3.16 -7.72
N TRP A 7 2.45 -4.08 -6.94
CA TRP A 7 1.76 -4.90 -5.95
C TRP A 7 2.54 -5.14 -4.64
N SER A 8 3.79 -4.67 -4.51
CA SER A 8 4.56 -4.87 -3.27
C SER A 8 3.93 -4.23 -2.02
N CYS A 9 3.17 -3.13 -2.15
CA CYS A 9 2.35 -2.59 -1.07
C CYS A 9 1.21 -3.55 -0.71
N ASN A 10 0.50 -4.04 -1.72
CA ASN A 10 -0.63 -4.96 -1.57
C ASN A 10 -0.20 -6.26 -0.85
N SER A 11 0.95 -6.83 -1.22
CA SER A 11 1.57 -7.95 -0.49
C SER A 11 1.97 -7.61 0.94
N SER A 12 2.54 -6.41 1.19
CA SER A 12 2.84 -5.95 2.56
C SER A 12 1.58 -5.87 3.42
N CYS A 13 0.49 -5.31 2.88
CA CYS A 13 -0.81 -5.22 3.53
C CYS A 13 -1.41 -6.60 3.82
N ILE A 14 -1.42 -7.51 2.85
CA ILE A 14 -1.87 -8.90 3.03
C ILE A 14 -1.01 -9.61 4.08
N SER A 15 0.29 -9.29 4.16
CA SER A 15 1.19 -9.82 5.20
C SER A 15 0.88 -9.28 6.60
N ARG A 16 0.39 -8.04 6.72
CA ARG A 16 -0.22 -7.52 7.96
C ARG A 16 -1.65 -8.06 8.19
N GLY A 17 -2.19 -8.89 7.30
CA GLY A 17 -3.52 -9.51 7.40
C GLY A 17 -4.68 -8.66 6.85
N TYR A 18 -4.42 -7.58 6.12
CA TYR A 18 -5.44 -6.69 5.57
C TYR A 18 -6.19 -7.31 4.38
N ARG A 19 -7.34 -6.72 4.03
CA ARG A 19 -8.20 -7.16 2.92
C ARG A 19 -7.59 -6.82 1.57
N GLN A 20 -7.03 -5.62 1.47
CA GLN A 20 -6.21 -5.10 0.37
C GLN A 20 -5.45 -3.84 0.81
N GLY A 21 -4.40 -3.50 0.07
CA GLY A 21 -3.69 -2.22 0.11
C GLY A 21 -4.01 -1.30 -1.07
N LYS A 22 -3.69 -0.01 -0.94
CA LYS A 22 -4.09 1.06 -1.85
C LYS A 22 -3.19 2.29 -1.71
N CYS A 23 -2.54 2.71 -2.80
CA CYS A 23 -1.66 3.88 -2.83
C CYS A 23 -2.47 5.18 -2.96
N TRP A 24 -3.01 5.68 -1.84
CA TRP A 24 -3.87 6.88 -1.79
C TRP A 24 -3.68 7.68 -0.51
N GLY A 25 -4.08 8.96 -0.53
CA GLY A 25 -4.10 9.84 0.64
C GLY A 25 -3.86 11.32 0.28
N ILE A 26 -3.18 12.04 1.18
CA ILE A 26 -2.79 13.45 1.08
C ILE A 26 -1.41 13.70 1.73
N GLN A 27 -0.61 14.63 1.19
CA GLN A 27 0.75 15.07 1.60
C GLN A 27 1.86 14.01 1.63
N TYR A 28 1.64 12.88 2.29
CA TYR A 28 2.65 11.85 2.58
C TYR A 28 2.89 10.92 1.38
N LYS A 29 3.98 10.14 1.44
CA LYS A 29 4.44 9.25 0.35
C LYS A 29 3.90 7.82 0.53
N TYR A 30 4.03 7.26 1.74
CA TYR A 30 3.81 5.85 2.07
C TYR A 30 2.38 5.30 1.83
N CYS A 31 2.30 4.16 1.15
CA CYS A 31 1.07 3.41 0.81
C CYS A 31 0.36 2.79 2.05
N GLN A 32 -0.97 2.60 1.99
CA GLN A 32 -1.80 2.20 3.15
C GLN A 32 -2.87 1.14 2.79
N CYS A 33 -3.58 0.56 3.78
CA CYS A 33 -4.45 -0.60 3.57
C CYS A 33 -5.88 -0.45 4.14
N GLN A 34 -6.71 -1.48 3.97
CA GLN A 34 -8.10 -1.53 4.50
C GLN A 34 -8.61 -2.93 4.90
N GLY A 1 12.16 3.00 -0.31
CA GLY A 1 11.69 4.07 -1.20
C GLY A 1 10.26 4.43 -0.87
N SER A 2 9.94 5.73 -0.86
CA SER A 2 8.60 6.23 -0.51
C SER A 2 7.54 6.08 -1.62
N ALA A 3 7.92 5.75 -2.86
CA ALA A 3 6.98 5.56 -3.97
C ALA A 3 6.13 4.30 -3.79
N CYS A 4 4.82 4.40 -4.07
CA CYS A 4 3.88 3.30 -3.94
C CYS A 4 4.17 2.16 -4.94
N GLN A 5 4.47 0.97 -4.41
CA GLN A 5 4.74 -0.23 -5.19
C GLN A 5 3.47 -0.73 -5.89
N PHE A 6 3.58 -1.14 -7.15
CA PHE A 6 2.44 -1.55 -8.00
C PHE A 6 1.60 -2.68 -7.41
N TRP A 7 2.25 -3.78 -7.00
CA TRP A 7 1.61 -4.95 -6.40
C TRP A 7 2.40 -5.56 -5.24
N SER A 8 3.66 -5.16 -5.03
CA SER A 8 4.40 -5.52 -3.81
C SER A 8 3.81 -4.85 -2.55
N CYS A 9 3.13 -3.70 -2.68
CA CYS A 9 2.35 -3.10 -1.58
C CYS A 9 1.18 -4.02 -1.16
N ASN A 10 0.37 -4.54 -2.10
CA ASN A 10 -0.73 -5.47 -1.78
C ASN A 10 -0.23 -6.70 -0.99
N SER A 11 0.85 -7.34 -1.44
CA SER A 11 1.46 -8.50 -0.76
C SER A 11 1.88 -8.16 0.67
N SER A 12 2.49 -6.98 0.89
CA SER A 12 2.85 -6.51 2.23
C SER A 12 1.61 -6.21 3.09
N CYS A 13 0.58 -5.57 2.54
CA CYS A 13 -0.67 -5.30 3.24
C CYS A 13 -1.34 -6.60 3.74
N ILE A 14 -1.37 -7.66 2.91
CA ILE A 14 -1.88 -8.99 3.30
C ILE A 14 -1.10 -9.55 4.50
N SER A 15 0.23 -9.42 4.50
CA SER A 15 1.07 -9.82 5.64
C SER A 15 0.83 -8.99 6.90
N ARG A 16 0.55 -7.69 6.80
CA ARG A 16 0.10 -6.86 7.93
C ARG A 16 -1.34 -7.16 8.41
N GLY A 17 -2.07 -8.05 7.73
CA GLY A 17 -3.43 -8.48 8.11
C GLY A 17 -4.55 -7.70 7.42
N TYR A 18 -4.27 -6.99 6.32
CA TYR A 18 -5.26 -6.27 5.52
C TYR A 18 -5.73 -7.10 4.31
N ARG A 19 -6.70 -6.59 3.54
CA ARG A 19 -7.20 -7.25 2.31
C ARG A 19 -6.40 -6.85 1.06
N GLN A 20 -6.26 -5.55 0.81
CA GLN A 20 -5.44 -4.96 -0.25
C GLN A 20 -4.91 -3.57 0.18
N GLY A 21 -3.91 -3.09 -0.56
CA GLY A 21 -3.40 -1.72 -0.50
C GLY A 21 -4.04 -0.79 -1.54
N LYS A 22 -4.25 0.48 -1.18
CA LYS A 22 -5.04 1.47 -1.92
C LYS A 22 -4.30 2.82 -2.04
N CYS A 23 -3.25 2.87 -2.84
CA CYS A 23 -2.53 4.12 -3.12
C CYS A 23 -3.10 4.87 -4.34
N TRP A 24 -3.31 6.17 -4.18
CA TRP A 24 -3.91 7.05 -5.18
C TRP A 24 -3.56 8.53 -4.97
N GLY A 25 -3.23 8.92 -3.73
CA GLY A 25 -2.82 10.26 -3.33
C GLY A 25 -1.32 10.46 -3.48
N ILE A 26 -0.88 11.42 -4.29
CA ILE A 26 0.53 11.64 -4.68
C ILE A 26 1.20 12.58 -3.68
N GLN A 27 1.30 12.13 -2.42
CA GLN A 27 1.89 12.87 -1.29
C GLN A 27 3.36 12.51 -1.03
N TYR A 28 3.90 11.54 -1.80
CA TYR A 28 5.20 10.89 -1.58
C TYR A 28 5.28 10.19 -0.20
N LYS A 29 4.14 9.68 0.28
CA LYS A 29 3.97 8.98 1.57
C LYS A 29 3.68 7.49 1.35
N TYR A 30 4.17 6.63 2.24
CA TYR A 30 4.11 5.17 2.13
C TYR A 30 2.68 4.61 1.95
N CYS A 31 2.58 3.49 1.21
CA CYS A 31 1.35 2.89 0.70
C CYS A 31 0.38 2.37 1.80
N GLN A 32 -0.83 2.93 1.84
CA GLN A 32 -1.90 2.60 2.80
C GLN A 32 -2.69 1.35 2.41
N CYS A 33 -3.36 0.71 3.39
CA CYS A 33 -4.17 -0.48 3.13
C CYS A 33 -5.56 -0.43 3.77
N GLN A 34 -6.51 -1.15 3.16
CA GLN A 34 -7.92 -1.31 3.55
C GLN A 34 -8.65 -0.03 3.99
N GLY A 1 10.44 6.84 -6.46
CA GLY A 1 9.64 7.70 -5.58
C GLY A 1 8.52 8.40 -6.33
N SER A 2 7.54 8.93 -5.58
CA SER A 2 6.33 9.65 -6.05
C SER A 2 5.34 8.88 -6.94
N ALA A 3 5.34 7.54 -6.89
CA ALA A 3 4.45 6.67 -7.66
C ALA A 3 4.06 5.35 -6.94
N CYS A 4 2.88 4.81 -7.25
CA CYS A 4 2.31 3.58 -6.68
C CYS A 4 3.20 2.33 -6.87
N GLN A 5 3.28 1.49 -5.83
CA GLN A 5 3.83 0.14 -5.92
C GLN A 5 2.72 -0.82 -6.38
N PHE A 6 2.82 -1.29 -7.62
CA PHE A 6 1.80 -2.09 -8.33
C PHE A 6 1.21 -3.24 -7.51
N TRP A 7 2.05 -3.99 -6.80
CA TRP A 7 1.61 -5.09 -5.93
C TRP A 7 2.49 -5.28 -4.69
N SER A 8 3.68 -4.66 -4.60
CA SER A 8 4.49 -4.70 -3.37
C SER A 8 3.78 -4.02 -2.18
N CYS A 9 2.97 -2.98 -2.43
CA CYS A 9 2.08 -2.40 -1.43
C CYS A 9 1.09 -3.46 -0.90
N ASN A 10 0.40 -4.19 -1.80
CA ASN A 10 -0.47 -5.31 -1.42
C ASN A 10 0.30 -6.40 -0.65
N SER A 11 1.50 -6.80 -1.08
CA SER A 11 2.29 -7.85 -0.40
C SER A 11 2.64 -7.48 1.05
N SER A 12 3.02 -6.22 1.32
CA SER A 12 3.20 -5.74 2.70
C SER A 12 1.88 -5.74 3.48
N CYS A 13 0.81 -5.21 2.89
CA CYS A 13 -0.52 -5.14 3.49
C CYS A 13 -1.10 -6.54 3.86
N ILE A 14 -0.95 -7.54 2.99
CA ILE A 14 -1.40 -8.93 3.24
C ILE A 14 -0.76 -9.49 4.51
N SER A 15 0.51 -9.16 4.79
CA SER A 15 1.18 -9.60 6.03
C SER A 15 0.57 -9.00 7.30
N ARG A 16 -0.02 -7.80 7.23
CA ARG A 16 -0.74 -7.14 8.33
C ARG A 16 -2.20 -7.64 8.46
N GLY A 17 -2.65 -8.55 7.60
CA GLY A 17 -4.00 -9.14 7.60
C GLY A 17 -5.01 -8.49 6.63
N TYR A 18 -4.56 -7.53 5.81
CA TYR A 18 -5.43 -6.85 4.84
C TYR A 18 -5.59 -7.69 3.56
N ARG A 19 -6.51 -7.26 2.67
CA ARG A 19 -6.66 -7.90 1.34
C ARG A 19 -5.80 -7.18 0.29
N GLN A 20 -5.88 -5.85 0.29
CA GLN A 20 -5.19 -4.96 -0.65
C GLN A 20 -4.78 -3.65 0.04
N GLY A 21 -3.73 -3.01 -0.48
CA GLY A 21 -3.36 -1.64 -0.15
C GLY A 21 -4.14 -0.60 -0.96
N LYS A 22 -3.84 0.68 -0.71
CA LYS A 22 -4.53 1.86 -1.26
C LYS A 22 -3.56 2.86 -1.88
N CYS A 23 -2.69 2.41 -2.80
CA CYS A 23 -1.63 3.25 -3.39
C CYS A 23 -2.15 4.50 -4.16
N TRP A 24 -3.43 4.53 -4.51
CA TRP A 24 -4.12 5.69 -5.09
C TRP A 24 -4.24 6.88 -4.11
N GLY A 25 -4.20 6.64 -2.80
CA GLY A 25 -4.41 7.67 -1.78
C GLY A 25 -3.19 8.56 -1.50
N ILE A 26 -1.97 8.03 -1.62
CA ILE A 26 -0.70 8.71 -1.30
C ILE A 26 0.44 8.13 -2.14
N GLN A 27 1.48 8.89 -2.48
CA GLN A 27 2.50 8.47 -3.45
C GLN A 27 3.96 8.76 -3.04
N TYR A 28 4.22 9.75 -2.17
CA TYR A 28 5.57 10.02 -1.64
C TYR A 28 5.87 9.21 -0.36
N LYS A 29 4.90 9.07 0.54
CA LYS A 29 4.98 8.20 1.74
C LYS A 29 4.36 6.82 1.44
N TYR A 30 4.64 5.81 2.26
CA TYR A 30 4.16 4.44 2.02
C TYR A 30 2.64 4.30 2.19
N CYS A 31 2.02 3.40 1.43
CA CYS A 31 0.58 3.20 1.37
C CYS A 31 -0.07 2.69 2.69
N GLN A 32 -1.36 2.99 2.84
CA GLN A 32 -2.28 2.41 3.83
C GLN A 32 -3.11 1.28 3.16
N CYS A 33 -3.91 0.52 3.91
CA CYS A 33 -4.56 -0.69 3.37
C CYS A 33 -6.02 -0.93 3.81
N GLN A 34 -6.63 -1.98 3.24
CA GLN A 34 -8.03 -2.39 3.39
C GLN A 34 -8.23 -3.91 3.46
N GLY A 1 7.79 -5.63 0.55
CA GLY A 1 7.58 -4.93 1.84
C GLY A 1 6.71 -3.69 1.66
N SER A 2 6.84 -2.72 2.57
CA SER A 2 5.99 -1.51 2.62
C SER A 2 6.31 -0.41 1.58
N ALA A 3 7.19 -0.67 0.60
CA ALA A 3 7.53 0.31 -0.45
C ALA A 3 6.32 0.71 -1.34
N CYS A 4 6.41 1.87 -2.00
CA CYS A 4 5.35 2.47 -2.81
C CYS A 4 5.20 1.81 -4.22
N GLN A 5 5.26 0.48 -4.27
CA GLN A 5 5.22 -0.33 -5.49
C GLN A 5 3.78 -0.56 -6.00
N PHE A 6 3.64 -0.67 -7.32
CA PHE A 6 2.38 -0.74 -8.08
C PHE A 6 1.33 -1.70 -7.50
N TRP A 7 1.75 -2.92 -7.18
CA TRP A 7 0.91 -3.98 -6.60
C TRP A 7 1.58 -4.72 -5.43
N SER A 8 2.91 -4.62 -5.27
CA SER A 8 3.61 -5.29 -4.15
C SER A 8 3.17 -4.77 -2.78
N CYS A 9 2.69 -3.52 -2.70
CA CYS A 9 2.07 -2.96 -1.49
C CYS A 9 0.83 -3.78 -1.05
N ASN A 10 -0.04 -4.20 -1.98
CA ASN A 10 -1.18 -5.07 -1.68
C ASN A 10 -0.74 -6.41 -1.05
N SER A 11 0.26 -7.08 -1.64
CA SER A 11 0.82 -8.34 -1.13
C SER A 11 1.44 -8.18 0.27
N SER A 12 2.14 -7.07 0.51
CA SER A 12 2.66 -6.69 1.83
C SER A 12 1.54 -6.45 2.86
N CYS A 13 0.49 -5.70 2.49
CA CYS A 13 -0.64 -5.40 3.35
C CYS A 13 -1.41 -6.66 3.78
N ILE A 14 -1.66 -7.59 2.85
CA ILE A 14 -2.33 -8.86 3.15
C ILE A 14 -1.52 -9.65 4.19
N SER A 15 -0.19 -9.64 4.11
CA SER A 15 0.68 -10.25 5.12
C SER A 15 0.65 -9.52 6.48
N ARG A 16 0.61 -8.18 6.51
CA ARG A 16 0.36 -7.38 7.74
C ARG A 16 -1.02 -7.62 8.38
N GLY A 17 -1.95 -8.32 7.70
CA GLY A 17 -3.28 -8.67 8.21
C GLY A 17 -4.41 -7.72 7.77
N TYR A 18 -4.22 -6.98 6.69
CA TYR A 18 -5.24 -6.13 6.05
C TYR A 18 -5.99 -6.86 4.93
N ARG A 19 -7.10 -6.30 4.46
CA ARG A 19 -7.92 -6.85 3.36
C ARG A 19 -7.21 -6.71 2.02
N GLN A 20 -6.86 -5.47 1.68
CA GLN A 20 -6.10 -5.03 0.50
C GLN A 20 -5.43 -3.67 0.77
N GLY A 21 -4.47 -3.25 -0.07
CA GLY A 21 -3.85 -1.93 -0.02
C GLY A 21 -3.20 -1.42 -1.31
N LYS A 22 -2.89 -0.13 -1.34
CA LYS A 22 -2.25 0.62 -2.44
C LYS A 22 -1.43 1.80 -1.89
N CYS A 23 -0.38 2.22 -2.60
CA CYS A 23 0.33 3.46 -2.28
C CYS A 23 -0.48 4.70 -2.69
N TRP A 24 -0.89 5.54 -1.74
CA TRP A 24 -1.63 6.79 -1.98
C TRP A 24 -1.65 7.73 -0.75
N GLY A 25 -2.27 8.90 -0.90
CA GLY A 25 -2.59 9.82 0.19
C GLY A 25 -3.18 11.16 -0.28
N ILE A 26 -3.82 11.88 0.64
CA ILE A 26 -4.24 13.29 0.48
C ILE A 26 -3.16 14.23 1.05
N GLN A 27 -2.54 13.83 2.17
CA GLN A 27 -1.59 14.65 2.94
C GLN A 27 -0.12 14.23 2.71
N TYR A 28 0.18 12.94 2.55
CA TYR A 28 1.49 12.42 2.12
C TYR A 28 1.34 11.03 1.46
N LYS A 29 2.17 10.71 0.45
CA LYS A 29 2.06 9.44 -0.31
C LYS A 29 2.89 8.32 0.33
N TYR A 30 2.23 7.21 0.68
CA TYR A 30 2.84 6.01 1.26
C TYR A 30 1.93 4.77 1.03
N CYS A 31 2.45 3.55 1.20
CA CYS A 31 1.65 2.32 1.17
C CYS A 31 0.60 2.28 2.30
N GLN A 32 -0.69 2.29 1.96
CA GLN A 32 -1.83 2.24 2.88
C GLN A 32 -2.74 1.05 2.56
N CYS A 33 -3.52 0.62 3.55
CA CYS A 33 -4.33 -0.60 3.46
C CYS A 33 -5.66 -0.53 4.23
N GLN A 34 -6.54 -1.52 4.01
CA GLN A 34 -7.90 -1.61 4.57
C GLN A 34 -7.99 -2.57 5.76
N GLY A 1 3.97 13.24 -6.08
CA GLY A 1 4.03 12.82 -7.50
C GLY A 1 3.03 11.71 -7.80
N SER A 2 2.63 11.56 -9.06
CA SER A 2 1.54 10.66 -9.49
C SER A 2 1.90 9.15 -9.55
N ALA A 3 3.19 8.81 -9.61
CA ALA A 3 3.68 7.44 -9.84
C ALA A 3 4.03 6.69 -8.54
N CYS A 4 3.57 5.44 -8.41
CA CYS A 4 3.88 4.56 -7.27
C CYS A 4 3.83 3.05 -7.65
N GLN A 5 4.30 2.18 -6.74
CA GLN A 5 4.20 0.72 -6.85
C GLN A 5 2.77 0.20 -7.07
N PHE A 6 2.64 -0.84 -7.90
CA PHE A 6 1.37 -1.51 -8.22
C PHE A 6 0.79 -2.29 -7.04
N TRP A 7 1.58 -3.18 -6.44
CA TRP A 7 1.11 -4.17 -5.45
C TRP A 7 2.16 -4.59 -4.43
N SER A 8 3.40 -4.07 -4.47
CA SER A 8 4.39 -4.41 -3.42
C SER A 8 3.93 -3.98 -2.01
N CYS A 9 3.13 -2.91 -1.93
CA CYS A 9 2.41 -2.55 -0.70
C CYS A 9 1.27 -3.57 -0.44
N ASN A 10 0.44 -3.88 -1.44
CA ASN A 10 -0.71 -4.81 -1.31
C ASN A 10 -0.33 -6.18 -0.75
N SER A 11 0.73 -6.81 -1.27
CA SER A 11 1.21 -8.12 -0.79
C SER A 11 1.74 -8.05 0.65
N SER A 12 2.39 -6.94 1.00
CA SER A 12 2.77 -6.65 2.39
C SER A 12 1.53 -6.48 3.28
N CYS A 13 0.52 -5.72 2.84
CA CYS A 13 -0.73 -5.53 3.57
C CYS A 13 -1.44 -6.84 3.88
N ILE A 14 -1.59 -7.74 2.89
CA ILE A 14 -2.21 -9.06 3.10
C ILE A 14 -1.41 -9.84 4.17
N SER A 15 -0.08 -9.70 4.16
CA SER A 15 0.83 -10.28 5.16
C SER A 15 0.73 -9.62 6.56
N ARG A 16 0.34 -8.35 6.65
CA ARG A 16 -0.06 -7.63 7.88
C ARG A 16 -1.52 -7.92 8.30
N GLY A 17 -2.18 -8.89 7.67
CA GLY A 17 -3.52 -9.35 8.03
C GLY A 17 -4.68 -8.54 7.44
N TYR A 18 -4.40 -7.59 6.54
CA TYR A 18 -5.40 -6.85 5.77
C TYR A 18 -5.90 -7.66 4.55
N ARG A 19 -6.80 -7.08 3.75
CA ARG A 19 -7.34 -7.67 2.50
C ARG A 19 -6.77 -7.04 1.23
N GLN A 20 -6.51 -5.73 1.25
CA GLN A 20 -5.87 -4.98 0.17
C GLN A 20 -5.24 -3.65 0.65
N GLY A 21 -4.31 -3.07 -0.11
CA GLY A 21 -3.81 -1.71 0.07
C GLY A 21 -3.15 -1.15 -1.19
N LYS A 22 -3.47 0.10 -1.53
CA LYS A 22 -3.03 0.79 -2.76
C LYS A 22 -2.35 2.11 -2.42
N CYS A 23 -1.21 2.39 -3.03
CA CYS A 23 -0.45 3.63 -2.85
C CYS A 23 -1.14 4.82 -3.56
N TRP A 24 -2.01 5.54 -2.85
CA TRP A 24 -2.68 6.75 -3.36
C TRP A 24 -3.28 7.62 -2.24
N GLY A 25 -3.57 8.88 -2.58
CA GLY A 25 -4.35 9.83 -1.77
C GLY A 25 -3.54 11.02 -1.26
N ILE A 26 -3.72 11.34 0.02
CA ILE A 26 -3.07 12.46 0.72
C ILE A 26 -2.90 12.19 2.22
N GLN A 27 -3.76 11.38 2.83
CA GLN A 27 -3.64 10.96 4.24
C GLN A 27 -2.34 10.18 4.51
N TYR A 28 -1.91 9.35 3.55
CA TYR A 28 -0.76 8.45 3.63
C TYR A 28 0.61 9.14 3.83
N LYS A 29 1.54 8.44 4.50
CA LYS A 29 2.96 8.83 4.58
C LYS A 29 3.81 8.08 3.53
N TYR A 30 3.41 6.84 3.20
CA TYR A 30 4.03 5.98 2.17
C TYR A 30 2.99 5.09 1.46
N CYS A 31 2.19 4.33 2.23
CA CYS A 31 1.05 3.52 1.78
C CYS A 31 0.16 3.08 2.97
N GLN A 32 -1.14 2.82 2.75
CA GLN A 32 -2.15 2.43 3.75
C GLN A 32 -3.08 1.32 3.22
N CYS A 33 -3.56 0.43 4.12
CA CYS A 33 -4.34 -0.75 3.75
C CYS A 33 -5.72 -0.86 4.44
N GLN A 34 -6.57 -1.76 3.92
CA GLN A 34 -7.89 -2.17 4.42
C GLN A 34 -7.97 -3.70 4.55
N GLY A 1 12.80 6.70 4.22
CA GLY A 1 12.10 5.77 3.33
C GLY A 1 10.81 6.36 2.83
N SER A 2 9.75 5.55 2.85
CA SER A 2 8.36 5.92 2.47
C SER A 2 8.19 6.37 1.01
N ALA A 3 7.69 5.47 0.18
CA ALA A 3 7.39 5.73 -1.23
C ALA A 3 6.22 4.87 -1.77
N CYS A 4 5.52 5.38 -2.77
CA CYS A 4 4.35 4.75 -3.37
C CYS A 4 4.69 3.50 -4.21
N GLN A 5 3.72 2.59 -4.34
CA GLN A 5 3.76 1.39 -5.19
C GLN A 5 2.37 1.10 -5.77
N PHE A 6 2.32 0.54 -6.98
CA PHE A 6 1.06 0.23 -7.70
C PHE A 6 0.28 -0.92 -7.05
N TRP A 7 0.97 -2.02 -6.76
CA TRP A 7 0.40 -3.29 -6.24
C TRP A 7 1.40 -4.11 -5.38
N SER A 8 2.68 -3.72 -5.34
CA SER A 8 3.72 -4.37 -4.52
C SER A 8 3.53 -4.14 -3.00
N CYS A 9 2.52 -3.35 -2.61
CA CYS A 9 2.07 -3.21 -1.22
C CYS A 9 1.01 -4.24 -0.81
N ASN A 10 0.30 -4.89 -1.74
CA ASN A 10 -0.76 -5.82 -1.37
C ASN A 10 -0.23 -6.98 -0.49
N SER A 11 0.85 -7.63 -0.91
CA SER A 11 1.43 -8.78 -0.17
C SER A 11 1.95 -8.39 1.22
N SER A 12 2.54 -7.20 1.38
CA SER A 12 3.00 -6.69 2.69
C SER A 12 1.81 -6.28 3.57
N CYS A 13 0.80 -5.59 3.04
CA CYS A 13 -0.47 -5.33 3.75
C CYS A 13 -1.14 -6.63 4.21
N ILE A 14 -1.23 -7.65 3.34
CA ILE A 14 -1.80 -8.96 3.63
C ILE A 14 -1.04 -9.67 4.76
N SER A 15 0.28 -9.47 4.88
CA SER A 15 1.03 -10.00 6.02
C SER A 15 0.63 -9.38 7.36
N ARG A 16 0.22 -8.09 7.36
CA ARG A 16 -0.41 -7.40 8.50
C ARG A 16 -1.90 -7.76 8.68
N GLY A 17 -2.41 -8.74 7.93
CA GLY A 17 -3.77 -9.27 8.03
C GLY A 17 -4.83 -8.52 7.21
N TYR A 18 -4.44 -7.50 6.45
CA TYR A 18 -5.34 -6.70 5.61
C TYR A 18 -5.73 -7.43 4.33
N ARG A 19 -6.70 -6.87 3.60
CA ARG A 19 -7.29 -7.43 2.37
C ARG A 19 -6.62 -6.90 1.11
N GLN A 20 -6.29 -5.61 1.09
CA GLN A 20 -5.73 -4.91 -0.07
C GLN A 20 -5.05 -3.59 0.37
N GLY A 21 -3.94 -3.22 -0.27
CA GLY A 21 -3.31 -1.91 -0.16
C GLY A 21 -3.48 -1.04 -1.42
N LYS A 22 -3.55 0.28 -1.21
CA LYS A 22 -3.74 1.32 -2.23
C LYS A 22 -2.80 2.52 -2.03
N CYS A 23 -2.48 3.20 -3.13
CA CYS A 23 -1.70 4.44 -3.15
C CYS A 23 -2.04 5.28 -4.40
N TRP A 24 -2.27 6.59 -4.24
CA TRP A 24 -2.58 7.52 -5.35
C TRP A 24 -2.32 9.01 -5.02
N GLY A 25 -2.11 9.37 -3.75
CA GLY A 25 -1.86 10.75 -3.30
C GLY A 25 -0.45 10.92 -2.73
N ILE A 26 0.37 11.76 -3.38
CA ILE A 26 1.80 11.97 -3.12
C ILE A 26 2.62 10.70 -3.35
N GLN A 27 3.43 10.67 -4.43
CA GLN A 27 4.31 9.54 -4.76
C GLN A 27 5.40 9.30 -3.69
N TYR A 28 5.88 10.37 -3.06
CA TYR A 28 6.96 10.39 -2.04
C TYR A 28 6.53 9.89 -0.65
N LYS A 29 5.43 9.12 -0.58
CA LYS A 29 4.77 8.63 0.64
C LYS A 29 4.23 7.22 0.43
N TYR A 30 4.40 6.36 1.43
CA TYR A 30 3.99 4.95 1.42
C TYR A 30 2.46 4.75 1.31
N CYS A 31 2.07 3.54 0.89
CA CYS A 31 0.68 3.09 0.71
C CYS A 31 -0.08 2.90 2.03
N GLN A 32 -1.41 2.79 1.96
CA GLN A 32 -2.29 2.40 3.07
C GLN A 32 -3.07 1.12 2.74
N CYS A 33 -3.68 0.45 3.72
CA CYS A 33 -4.42 -0.80 3.49
C CYS A 33 -5.85 -0.80 4.04
N GLN A 34 -6.66 -1.76 3.56
CA GLN A 34 -8.11 -1.91 3.84
C GLN A 34 -8.53 -3.34 4.20
N GLY A 1 10.93 3.97 7.18
CA GLY A 1 9.75 3.15 6.83
C GLY A 1 9.91 2.50 5.47
N SER A 2 9.08 1.50 5.16
CA SER A 2 9.08 0.83 3.85
C SER A 2 8.53 1.73 2.71
N ALA A 3 9.03 1.50 1.51
CA ALA A 3 8.80 2.32 0.32
C ALA A 3 7.47 2.01 -0.40
N CYS A 4 6.81 3.06 -0.88
CA CYS A 4 5.59 3.06 -1.69
C CYS A 4 5.77 2.35 -3.05
N GLN A 5 4.97 1.31 -3.30
CA GLN A 5 4.89 0.55 -4.56
C GLN A 5 3.52 0.72 -5.24
N PHE A 6 3.43 0.50 -6.56
CA PHE A 6 2.19 0.67 -7.35
C PHE A 6 1.05 -0.26 -6.93
N TRP A 7 1.31 -1.56 -6.85
CA TRP A 7 0.36 -2.57 -6.33
C TRP A 7 1.01 -3.60 -5.40
N SER A 8 2.33 -3.74 -5.39
CA SER A 8 3.04 -4.72 -4.56
C SER A 8 2.89 -4.44 -3.04
N CYS A 9 2.50 -3.22 -2.64
CA CYS A 9 2.12 -2.93 -1.26
C CYS A 9 0.89 -3.73 -0.79
N ASN A 10 -0.04 -4.12 -1.68
CA ASN A 10 -1.12 -5.05 -1.35
C ASN A 10 -0.58 -6.37 -0.79
N SER A 11 0.49 -6.97 -1.37
CA SER A 11 1.11 -8.20 -0.84
C SER A 11 1.67 -8.02 0.58
N SER A 12 2.23 -6.84 0.88
CA SER A 12 2.65 -6.45 2.22
C SER A 12 1.45 -6.34 3.17
N CYS A 13 0.41 -5.59 2.80
CA CYS A 13 -0.80 -5.43 3.60
C CYS A 13 -1.51 -6.76 3.89
N ILE A 14 -1.63 -7.64 2.89
CA ILE A 14 -2.16 -9.00 3.04
C ILE A 14 -1.35 -9.76 4.11
N SER A 15 -0.03 -9.61 4.09
CA SER A 15 0.86 -10.23 5.08
C SER A 15 0.81 -9.55 6.46
N ARG A 16 0.52 -8.25 6.57
CA ARG A 16 0.19 -7.57 7.83
C ARG A 16 -1.18 -8.00 8.40
N GLY A 17 -2.01 -8.67 7.58
CA GLY A 17 -3.32 -9.24 7.94
C GLY A 17 -4.55 -8.59 7.26
N TYR A 18 -4.35 -7.57 6.44
CA TYR A 18 -5.39 -6.79 5.75
C TYR A 18 -5.87 -7.47 4.44
N ARG A 19 -6.74 -6.79 3.68
CA ARG A 19 -7.11 -7.21 2.31
C ARG A 19 -6.29 -6.47 1.25
N GLN A 20 -6.18 -5.15 1.34
CA GLN A 20 -5.51 -4.31 0.34
C GLN A 20 -4.95 -3.02 0.95
N GLY A 21 -3.90 -2.48 0.34
CA GLY A 21 -3.39 -1.13 0.62
C GLY A 21 -2.86 -0.46 -0.63
N LYS A 22 -3.26 0.80 -0.85
CA LYS A 22 -2.89 1.60 -2.03
C LYS A 22 -2.36 2.97 -1.59
N CYS A 23 -1.19 3.34 -2.10
CA CYS A 23 -0.39 4.50 -1.68
C CYS A 23 -0.87 5.86 -2.26
N TRP A 24 -1.52 5.86 -3.43
CA TRP A 24 -1.80 7.09 -4.18
C TRP A 24 -2.76 8.10 -3.51
N GLY A 25 -3.63 7.66 -2.58
CA GLY A 25 -4.71 8.49 -2.02
C GLY A 25 -4.27 9.46 -0.90
N ILE A 26 -3.15 9.19 -0.23
CA ILE A 26 -2.54 10.05 0.78
C ILE A 26 -1.46 10.97 0.17
N GLN A 27 -1.35 12.21 0.68
CA GLN A 27 -0.55 13.29 0.07
C GLN A 27 0.97 13.01 -0.02
N TYR A 28 1.49 12.08 0.79
CA TYR A 28 2.90 11.66 0.83
C TYR A 28 3.01 10.14 0.70
N LYS A 29 4.15 9.67 0.15
CA LYS A 29 4.36 8.26 -0.25
C LYS A 29 4.33 7.27 0.92
N TYR A 30 3.16 6.73 1.25
CA TYR A 30 2.94 5.76 2.31
C TYR A 30 1.78 4.79 2.00
N CYS A 31 2.03 3.48 2.11
CA CYS A 31 1.03 2.44 1.88
C CYS A 31 0.13 2.20 3.12
N GLN A 32 -1.02 2.87 3.19
CA GLN A 32 -2.08 2.60 4.17
C GLN A 32 -3.00 1.47 3.69
N CYS A 33 -3.52 0.63 4.59
CA CYS A 33 -4.30 -0.57 4.23
C CYS A 33 -5.67 -0.71 4.94
N GLN A 34 -6.53 -1.61 4.42
CA GLN A 34 -7.79 -2.07 5.01
C GLN A 34 -8.12 -3.50 4.54
N GLY A 1 8.90 -1.43 2.94
CA GLY A 1 8.05 -0.29 2.61
C GLY A 1 8.82 1.02 2.63
N SER A 2 8.86 1.73 1.50
CA SER A 2 9.59 3.00 1.32
C SER A 2 8.95 3.94 0.29
N ALA A 3 8.16 3.44 -0.67
CA ALA A 3 7.37 4.21 -1.64
C ALA A 3 6.21 3.37 -2.23
N CYS A 4 5.26 4.00 -2.94
CA CYS A 4 4.18 3.29 -3.64
C CYS A 4 4.70 2.27 -4.67
N GLN A 5 3.89 1.24 -4.95
CA GLN A 5 4.22 0.05 -5.77
C GLN A 5 3.08 -0.29 -6.74
N PHE A 6 3.32 -1.08 -7.79
CA PHE A 6 2.28 -1.49 -8.75
C PHE A 6 1.19 -2.37 -8.10
N TRP A 7 1.58 -3.45 -7.43
CA TRP A 7 0.68 -4.37 -6.71
C TRP A 7 1.29 -4.94 -5.41
N SER A 8 2.61 -4.85 -5.22
CA SER A 8 3.28 -5.42 -4.05
C SER A 8 2.97 -4.70 -2.72
N CYS A 9 2.27 -3.56 -2.72
CA CYS A 9 1.70 -2.99 -1.47
C CYS A 9 0.71 -4.00 -0.87
N ASN A 10 -0.09 -4.67 -1.71
CA ASN A 10 -1.06 -5.67 -1.29
C ASN A 10 -0.39 -6.85 -0.55
N SER A 11 0.80 -7.27 -0.99
CA SER A 11 1.60 -8.33 -0.35
C SER A 11 2.02 -7.96 1.07
N SER A 12 2.45 -6.71 1.29
CA SER A 12 2.75 -6.18 2.63
C SER A 12 1.48 -6.09 3.48
N CYS A 13 0.37 -5.62 2.92
CA CYS A 13 -0.91 -5.54 3.61
C CYS A 13 -1.42 -6.93 4.06
N ILE A 14 -1.30 -7.95 3.21
CA ILE A 14 -1.61 -9.35 3.58
C ILE A 14 -0.74 -9.80 4.77
N SER A 15 0.55 -9.45 4.80
CA SER A 15 1.41 -9.75 5.96
C SER A 15 0.95 -9.06 7.26
N ARG A 16 0.43 -7.83 7.19
CA ARG A 16 -0.18 -7.12 8.33
C ARG A 16 -1.56 -7.65 8.77
N GLY A 17 -2.16 -8.59 8.03
CA GLY A 17 -3.49 -9.15 8.29
C GLY A 17 -4.64 -8.44 7.55
N TYR A 18 -4.33 -7.81 6.43
CA TYR A 18 -5.24 -7.08 5.54
C TYR A 18 -5.35 -7.78 4.16
N ARG A 19 -5.82 -7.08 3.11
CA ARG A 19 -6.03 -7.66 1.77
C ARG A 19 -5.47 -6.84 0.61
N GLN A 20 -5.60 -5.52 0.68
CA GLN A 20 -5.26 -4.60 -0.41
C GLN A 20 -4.89 -3.20 0.14
N GLY A 21 -3.80 -2.62 -0.37
CA GLY A 21 -3.38 -1.23 -0.12
C GLY A 21 -3.06 -0.43 -1.39
N LYS A 22 -3.39 0.87 -1.38
CA LYS A 22 -3.40 1.74 -2.58
C LYS A 22 -2.75 3.11 -2.34
N CYS A 23 -2.16 3.69 -3.38
CA CYS A 23 -1.55 5.03 -3.39
C CYS A 23 -2.59 6.19 -3.42
N TRP A 24 -3.80 5.96 -2.90
CA TRP A 24 -4.91 6.92 -2.86
C TRP A 24 -4.71 8.00 -1.79
N GLY A 25 -5.41 9.12 -1.88
CA GLY A 25 -5.46 10.13 -0.83
C GLY A 25 -4.08 10.68 -0.45
N ILE A 26 -3.86 10.91 0.85
CA ILE A 26 -2.64 11.50 1.41
C ILE A 26 -1.40 10.69 1.00
N GLN A 27 -0.39 11.38 0.43
CA GLN A 27 0.93 10.81 0.16
C GLN A 27 1.74 10.61 1.46
N TYR A 28 1.43 9.54 2.18
CA TYR A 28 2.20 9.07 3.33
C TYR A 28 3.59 8.54 2.89
N LYS A 29 4.48 8.33 3.86
CA LYS A 29 5.85 7.81 3.65
C LYS A 29 5.90 6.41 3.00
N TYR A 30 4.84 5.62 3.15
CA TYR A 30 4.58 4.35 2.45
C TYR A 30 3.07 4.07 2.37
N CYS A 31 2.61 3.30 1.38
CA CYS A 31 1.19 3.03 1.10
C CYS A 31 0.46 2.37 2.29
N GLN A 32 -0.74 2.88 2.62
CA GLN A 32 -1.66 2.27 3.61
C GLN A 32 -2.64 1.28 2.97
N CYS A 33 -3.30 0.45 3.79
CA CYS A 33 -4.22 -0.61 3.38
C CYS A 33 -5.69 -0.31 3.73
N GLN A 34 -6.61 -1.23 3.37
CA GLN A 34 -8.06 -1.14 3.62
C GLN A 34 -8.70 0.12 3.01
N GLY A 1 6.36 9.69 -13.10
CA GLY A 1 7.33 10.57 -12.41
C GLY A 1 7.62 10.06 -11.02
N SER A 2 8.52 9.08 -10.87
CA SER A 2 8.75 8.34 -9.61
C SER A 2 7.44 7.90 -8.94
N ALA A 3 6.53 7.29 -9.71
CA ALA A 3 5.23 6.83 -9.21
C ALA A 3 5.37 5.72 -8.15
N CYS A 4 4.35 5.54 -7.30
CA CYS A 4 4.39 4.54 -6.23
C CYS A 4 4.47 3.08 -6.74
N GLN A 5 4.78 2.13 -5.84
CA GLN A 5 4.90 0.69 -6.12
C GLN A 5 3.69 0.15 -6.91
N PHE A 6 3.93 -0.80 -7.82
CA PHE A 6 2.89 -1.37 -8.67
C PHE A 6 1.90 -2.23 -7.88
N TRP A 7 2.39 -3.22 -7.14
CA TRP A 7 1.59 -4.22 -6.41
C TRP A 7 2.16 -4.66 -5.08
N SER A 8 3.46 -4.42 -4.80
CA SER A 8 4.12 -4.92 -3.59
C SER A 8 3.50 -4.38 -2.29
N CYS A 9 2.90 -3.18 -2.35
CA CYS A 9 2.09 -2.64 -1.25
C CYS A 9 0.91 -3.56 -0.85
N ASN A 10 0.26 -4.23 -1.80
CA ASN A 10 -0.82 -5.17 -1.50
C ASN A 10 -0.29 -6.40 -0.73
N SER A 11 0.85 -6.94 -1.16
CA SER A 11 1.55 -8.03 -0.46
C SER A 11 1.94 -7.65 0.97
N SER A 12 2.54 -6.47 1.15
CA SER A 12 2.86 -5.92 2.48
C SER A 12 1.61 -5.84 3.36
N CYS A 13 0.55 -5.19 2.87
CA CYS A 13 -0.67 -5.01 3.63
C CYS A 13 -1.33 -6.35 4.00
N ILE A 14 -1.44 -7.30 3.06
CA ILE A 14 -1.98 -8.64 3.32
C ILE A 14 -1.17 -9.34 4.41
N SER A 15 0.17 -9.23 4.39
CA SER A 15 1.03 -9.78 5.45
C SER A 15 0.83 -9.11 6.81
N ARG A 16 0.64 -7.78 6.85
CA ARG A 16 0.22 -7.05 8.06
C ARG A 16 -1.22 -7.40 8.53
N GLY A 17 -1.98 -8.19 7.76
CA GLY A 17 -3.31 -8.73 8.12
C GLY A 17 -4.52 -8.06 7.44
N TYR A 18 -4.26 -7.12 6.52
CA TYR A 18 -5.31 -6.37 5.82
C TYR A 18 -5.97 -7.22 4.71
N ARG A 19 -7.10 -6.70 4.20
CA ARG A 19 -7.89 -7.28 3.10
C ARG A 19 -7.36 -6.86 1.74
N GLN A 20 -7.01 -5.59 1.58
CA GLN A 20 -6.44 -5.06 0.32
C GLN A 20 -5.62 -3.76 0.49
N GLY A 21 -4.35 -3.78 0.07
CA GLY A 21 -3.46 -2.61 -0.01
C GLY A 21 -3.32 -1.99 -1.39
N LYS A 22 -3.18 -0.66 -1.43
CA LYS A 22 -3.04 0.19 -2.63
C LYS A 22 -2.03 1.32 -2.42
N CYS A 23 -1.53 1.90 -3.51
CA CYS A 23 -0.73 3.13 -3.47
C CYS A 23 -0.69 3.86 -4.83
N TRP A 24 -0.81 5.19 -4.82
CA TRP A 24 -0.94 6.03 -6.02
C TRP A 24 -0.50 7.49 -5.83
N GLY A 25 -0.40 7.97 -4.58
CA GLY A 25 -0.14 9.38 -4.26
C GLY A 25 1.27 9.88 -4.59
N ILE A 26 1.43 11.22 -4.58
CA ILE A 26 2.71 11.93 -4.80
C ILE A 26 3.51 12.16 -3.49
N GLN A 27 2.87 12.17 -2.32
CA GLN A 27 3.58 12.16 -1.03
C GLN A 27 4.31 10.84 -0.82
N TYR A 28 5.54 10.88 -0.26
CA TYR A 28 6.32 9.68 0.06
C TYR A 28 5.97 9.12 1.44
N LYS A 29 5.10 8.10 1.49
CA LYS A 29 4.57 7.50 2.72
C LYS A 29 4.06 6.06 2.50
N TYR A 30 3.99 5.27 3.56
CA TYR A 30 3.59 3.85 3.52
C TYR A 30 2.19 3.64 2.89
N CYS A 31 1.99 2.44 2.36
CA CYS A 31 0.83 1.96 1.62
C CYS A 31 -0.52 2.20 2.33
N GLN A 32 -1.57 2.46 1.54
CA GLN A 32 -2.96 2.60 2.03
C GLN A 32 -3.62 1.23 2.00
N CYS A 33 -3.92 0.67 3.17
CA CYS A 33 -4.59 -0.63 3.27
C CYS A 33 -5.99 -0.53 3.89
N GLN A 34 -6.85 -1.48 3.50
CA GLN A 34 -8.19 -1.72 4.05
C GLN A 34 -8.25 -3.10 4.70
N GLY A 1 10.72 7.97 -0.55
CA GLY A 1 11.70 6.92 -0.90
C GLY A 1 11.20 6.06 -2.05
N SER A 2 10.40 5.04 -1.75
CA SER A 2 9.78 4.10 -2.72
C SER A 2 8.57 3.33 -2.14
N ALA A 3 8.10 3.66 -0.94
CA ALA A 3 7.12 2.90 -0.15
C ALA A 3 5.64 2.97 -0.63
N CYS A 4 5.37 3.50 -1.83
CA CYS A 4 4.02 3.57 -2.42
C CYS A 4 3.96 2.73 -3.70
N GLN A 5 4.19 1.41 -3.57
CA GLN A 5 4.24 0.47 -4.69
C GLN A 5 2.88 0.35 -5.41
N PHE A 6 2.90 0.03 -6.71
CA PHE A 6 1.69 -0.16 -7.52
C PHE A 6 0.83 -1.36 -7.08
N TRP A 7 1.46 -2.52 -6.82
CA TRP A 7 0.79 -3.77 -6.44
C TRP A 7 1.64 -4.64 -5.49
N SER A 8 2.96 -4.45 -5.43
CA SER A 8 3.86 -5.15 -4.48
C SER A 8 3.48 -4.89 -3.00
N CYS A 9 2.81 -3.77 -2.72
CA CYS A 9 2.33 -3.43 -1.38
C CYS A 9 1.23 -4.39 -0.88
N ASN A 10 0.40 -4.97 -1.76
CA ASN A 10 -0.65 -5.91 -1.35
C ASN A 10 -0.10 -7.13 -0.58
N SER A 11 1.06 -7.66 -0.99
CA SER A 11 1.71 -8.79 -0.30
C SER A 11 2.13 -8.44 1.14
N SER A 12 2.62 -7.21 1.35
CA SER A 12 2.90 -6.62 2.67
C SER A 12 1.61 -6.44 3.49
N CYS A 13 0.57 -5.86 2.89
CA CYS A 13 -0.71 -5.62 3.54
C CYS A 13 -1.36 -6.93 4.02
N ILE A 14 -1.38 -7.98 3.20
CA ILE A 14 -1.90 -9.30 3.57
C ILE A 14 -1.12 -9.89 4.76
N SER A 15 0.20 -9.64 4.85
CA SER A 15 1.00 -10.05 6.00
C SER A 15 0.62 -9.32 7.30
N ARG A 16 0.24 -8.04 7.23
CA ARG A 16 -0.31 -7.26 8.35
C ARG A 16 -1.76 -7.64 8.73
N GLY A 17 -2.43 -8.50 7.96
CA GLY A 17 -3.83 -8.90 8.18
C GLY A 17 -4.88 -8.07 7.43
N TYR A 18 -4.47 -7.27 6.44
CA TYR A 18 -5.37 -6.53 5.55
C TYR A 18 -5.75 -7.40 4.33
N ARG A 19 -6.51 -6.86 3.36
CA ARG A 19 -6.81 -7.50 2.05
C ARG A 19 -6.03 -6.89 0.89
N GLN A 20 -5.96 -5.56 0.81
CA GLN A 20 -5.21 -4.81 -0.22
C GLN A 20 -4.77 -3.42 0.26
N GLY A 21 -3.65 -2.95 -0.29
CA GLY A 21 -3.18 -1.56 -0.19
C GLY A 21 -3.22 -0.85 -1.54
N LYS A 22 -3.23 0.49 -1.50
CA LYS A 22 -3.39 1.34 -2.70
C LYS A 22 -2.47 2.56 -2.66
N CYS A 23 -2.19 3.13 -3.84
CA CYS A 23 -1.40 4.35 -4.02
C CYS A 23 -2.09 5.42 -4.90
N TRP A 24 -3.05 5.05 -5.78
CA TRP A 24 -3.63 5.98 -6.76
C TRP A 24 -4.46 7.14 -6.18
N GLY A 25 -5.16 6.89 -5.07
CA GLY A 25 -5.95 7.86 -4.29
C GLY A 25 -5.44 8.06 -2.86
N ILE A 26 -4.32 7.40 -2.50
CA ILE A 26 -3.60 7.57 -1.23
C ILE A 26 -2.42 8.53 -1.46
N GLN A 27 -2.05 9.31 -0.44
CA GLN A 27 -0.93 10.26 -0.54
C GLN A 27 0.38 9.53 -0.92
N TYR A 28 1.04 10.02 -1.97
CA TYR A 28 2.15 9.37 -2.70
C TYR A 28 3.38 8.88 -1.92
N LYS A 29 3.59 9.25 -0.65
CA LYS A 29 4.76 8.86 0.14
C LYS A 29 4.73 7.45 0.72
N TYR A 30 3.55 6.83 0.87
CA TYR A 30 3.40 5.51 1.52
C TYR A 30 2.06 4.83 1.20
N CYS A 31 2.07 3.56 0.81
CA CYS A 31 0.88 2.76 0.52
C CYS A 31 0.15 2.31 1.79
N GLN A 32 -1.11 2.76 1.96
CA GLN A 32 -2.02 2.39 3.06
C GLN A 32 -2.98 1.26 2.67
N CYS A 33 -3.43 0.44 3.63
CA CYS A 33 -4.20 -0.79 3.37
C CYS A 33 -5.54 -0.92 4.13
N GLN A 34 -6.39 -1.84 3.64
CA GLN A 34 -7.64 -2.30 4.30
C GLN A 34 -7.85 -3.79 4.06
N GLY A 1 6.28 10.35 -9.25
CA GLY A 1 4.93 10.67 -8.75
C GLY A 1 4.71 10.14 -7.35
N SER A 2 3.92 9.08 -7.21
CA SER A 2 3.43 8.54 -5.93
C SER A 2 4.49 7.78 -5.11
N ALA A 3 5.62 7.41 -5.71
CA ALA A 3 6.75 6.72 -5.09
C ALA A 3 6.39 5.36 -4.45
N CYS A 4 5.61 4.56 -5.17
CA CYS A 4 5.05 3.26 -4.74
C CYS A 4 5.17 2.17 -5.82
N GLN A 5 5.35 0.92 -5.37
CA GLN A 5 5.54 -0.28 -6.20
C GLN A 5 4.25 -0.76 -6.92
N PHE A 6 4.41 -1.61 -7.94
CA PHE A 6 3.33 -2.11 -8.82
C PHE A 6 2.26 -2.97 -8.12
N TRP A 7 2.66 -3.80 -7.16
CA TRP A 7 1.78 -4.73 -6.42
C TRP A 7 2.30 -5.09 -5.01
N SER A 8 3.58 -4.84 -4.72
CA SER A 8 4.19 -5.25 -3.44
C SER A 8 3.61 -4.48 -2.23
N CYS A 9 3.09 -3.27 -2.44
CA CYS A 9 2.34 -2.48 -1.46
C CYS A 9 1.16 -3.27 -0.85
N ASN A 10 0.36 -3.91 -1.71
CA ASN A 10 -0.74 -4.78 -1.31
C ASN A 10 -0.25 -6.13 -0.73
N SER A 11 0.80 -6.70 -1.33
CA SER A 11 1.45 -7.94 -0.85
C SER A 11 1.91 -7.83 0.63
N SER A 12 2.40 -6.66 1.05
CA SER A 12 2.68 -6.39 2.48
C SER A 12 1.42 -6.29 3.33
N CYS A 13 0.37 -5.58 2.87
CA CYS A 13 -0.88 -5.47 3.62
C CYS A 13 -1.52 -6.84 3.90
N ILE A 14 -1.47 -7.76 2.93
CA ILE A 14 -1.94 -9.14 3.08
C ILE A 14 -1.14 -9.88 4.18
N SER A 15 0.16 -9.62 4.32
CA SER A 15 0.97 -10.18 5.44
C SER A 15 0.62 -9.57 6.80
N ARG A 16 0.33 -8.27 6.86
CA ARG A 16 -0.20 -7.58 8.04
C ARG A 16 -1.64 -7.99 8.40
N GLY A 17 -2.29 -8.88 7.64
CA GLY A 17 -3.63 -9.38 7.91
C GLY A 17 -4.75 -8.41 7.49
N TYR A 18 -4.47 -7.53 6.53
CA TYR A 18 -5.46 -6.64 5.93
C TYR A 18 -6.13 -7.29 4.72
N ARG A 19 -7.25 -6.73 4.25
CA ARG A 19 -8.01 -7.22 3.09
C ARG A 19 -7.28 -6.90 1.79
N GLN A 20 -7.00 -5.61 1.59
CA GLN A 20 -6.24 -5.09 0.45
C GLN A 20 -5.74 -3.67 0.75
N GLY A 21 -4.60 -3.31 0.18
CA GLY A 21 -4.03 -1.96 0.21
C GLY A 21 -3.81 -1.33 -1.16
N LYS A 22 -3.60 -0.02 -1.15
CA LYS A 22 -3.26 0.80 -2.33
C LYS A 22 -2.45 2.02 -1.94
N CYS A 23 -1.79 2.59 -2.94
CA CYS A 23 -1.10 3.88 -2.91
C CYS A 23 -1.54 4.78 -4.07
N TRP A 24 -1.68 4.20 -5.28
CA TRP A 24 -1.93 4.92 -6.53
C TRP A 24 -3.27 5.66 -6.60
N GLY A 25 -3.34 6.63 -7.49
CA GLY A 25 -4.53 7.42 -7.81
C GLY A 25 -4.29 8.93 -7.68
N ILE A 26 -5.35 9.68 -7.37
CA ILE A 26 -5.30 11.14 -7.15
C ILE A 26 -4.99 11.55 -5.69
N GLN A 27 -4.91 10.60 -4.76
CA GLN A 27 -4.54 10.82 -3.35
C GLN A 27 -3.02 10.94 -3.14
N TYR A 28 -2.58 12.01 -2.47
CA TYR A 28 -1.16 12.29 -2.19
C TYR A 28 -0.53 11.44 -1.07
N LYS A 29 -1.34 10.86 -0.17
CA LYS A 29 -0.88 9.92 0.88
C LYS A 29 -0.22 8.66 0.31
N TYR A 30 0.65 8.04 1.12
CA TYR A 30 1.46 6.86 0.80
C TYR A 30 0.65 5.53 0.84
N CYS A 31 1.32 4.40 0.57
CA CYS A 31 0.75 3.04 0.63
C CYS A 31 0.14 2.71 2.01
N GLN A 32 -1.16 2.44 2.03
CA GLN A 32 -1.96 2.09 3.23
C GLN A 32 -3.03 1.03 2.88
N CYS A 33 -3.70 0.46 3.90
CA CYS A 33 -4.59 -0.69 3.76
C CYS A 33 -5.96 -0.54 4.44
N GLN A 34 -6.86 -1.49 4.14
CA GLN A 34 -8.18 -1.65 4.78
C GLN A 34 -8.32 -2.95 5.58
N GLY A 1 7.00 9.44 -12.31
CA GLY A 1 6.09 8.52 -13.01
C GLY A 1 6.03 7.19 -12.29
N SER A 2 4.84 6.59 -12.21
CA SER A 2 4.59 5.19 -11.77
C SER A 2 5.31 4.72 -10.48
N ALA A 3 5.64 5.64 -9.57
CA ALA A 3 6.43 5.40 -8.36
C ALA A 3 5.70 4.57 -7.28
N CYS A 4 4.39 4.36 -7.39
CA CYS A 4 3.66 3.40 -6.57
C CYS A 4 4.12 1.97 -6.87
N GLN A 5 4.33 1.19 -5.82
CA GLN A 5 4.63 -0.23 -5.90
C GLN A 5 3.51 -0.99 -6.62
N PHE A 6 3.86 -1.82 -7.60
CA PHE A 6 2.88 -2.47 -8.49
C PHE A 6 1.95 -3.43 -7.74
N TRP A 7 2.51 -4.24 -6.85
CA TRP A 7 1.79 -5.10 -5.91
C TRP A 7 2.55 -5.39 -4.61
N SER A 8 3.82 -4.99 -4.47
CA SER A 8 4.58 -5.13 -3.21
C SER A 8 3.86 -4.45 -2.03
N CYS A 9 3.21 -3.30 -2.24
CA CYS A 9 2.37 -2.66 -1.22
C CYS A 9 1.16 -3.51 -0.84
N ASN A 10 0.43 -4.05 -1.83
CA ASN A 10 -0.74 -4.91 -1.60
C ASN A 10 -0.36 -6.21 -0.88
N SER A 11 0.71 -6.86 -1.33
CA SER A 11 1.30 -8.07 -0.74
C SER A 11 1.79 -7.85 0.70
N SER A 12 2.45 -6.72 0.97
CA SER A 12 2.85 -6.32 2.32
C SER A 12 1.62 -6.06 3.21
N CYS A 13 0.61 -5.33 2.72
CA CYS A 13 -0.65 -5.16 3.46
C CYS A 13 -1.30 -6.51 3.83
N ILE A 14 -1.41 -7.43 2.87
CA ILE A 14 -1.94 -8.78 3.09
C ILE A 14 -1.11 -9.50 4.18
N SER A 15 0.22 -9.39 4.14
CA SER A 15 1.13 -9.94 5.15
C SER A 15 0.94 -9.32 6.55
N ARG A 16 0.58 -8.03 6.64
CA ARG A 16 0.15 -7.36 7.89
C ARG A 16 -1.30 -7.66 8.31
N GLY A 17 -1.98 -8.57 7.62
CA GLY A 17 -3.32 -9.08 7.96
C GLY A 17 -4.50 -8.34 7.30
N TYR A 18 -4.23 -7.43 6.36
CA TYR A 18 -5.24 -6.62 5.66
C TYR A 18 -5.81 -7.35 4.42
N ARG A 19 -6.88 -6.80 3.84
CA ARG A 19 -7.53 -7.30 2.60
C ARG A 19 -6.84 -6.82 1.32
N GLN A 20 -6.60 -5.50 1.23
CA GLN A 20 -6.01 -4.81 0.07
C GLN A 20 -5.50 -3.40 0.43
N GLY A 21 -4.43 -2.94 -0.24
CA GLY A 21 -3.87 -1.59 -0.10
C GLY A 21 -3.75 -0.79 -1.39
N LYS A 22 -3.71 0.55 -1.26
CA LYS A 22 -3.64 1.53 -2.37
C LYS A 22 -2.63 2.66 -2.13
N CYS A 23 -2.19 3.27 -3.22
CA CYS A 23 -1.12 4.29 -3.28
C CYS A 23 -1.45 5.48 -4.21
N TRP A 24 -2.32 5.31 -5.21
CA TRP A 24 -2.78 6.42 -6.07
C TRP A 24 -3.63 7.44 -5.29
N GLY A 25 -3.77 8.65 -5.83
CA GLY A 25 -4.58 9.73 -5.25
C GLY A 25 -3.76 10.87 -4.64
N ILE A 26 -4.34 11.64 -3.71
CA ILE A 26 -3.60 12.65 -2.94
C ILE A 26 -2.87 11.94 -1.80
N GLN A 27 -1.59 11.66 -2.00
CA GLN A 27 -0.72 10.93 -1.07
C GLN A 27 0.70 11.53 -1.10
N TYR A 28 1.37 11.49 0.05
CA TYR A 28 2.70 12.07 0.30
C TYR A 28 3.66 11.08 0.98
N LYS A 29 3.21 9.86 1.30
CA LYS A 29 3.91 8.83 2.07
C LYS A 29 3.60 7.41 1.54
N TYR A 30 4.10 6.39 2.22
CA TYR A 30 3.84 4.97 1.98
C TYR A 30 2.35 4.61 2.03
N CYS A 31 1.96 3.57 1.31
CA CYS A 31 0.56 3.12 1.12
C CYS A 31 -0.22 2.79 2.41
N GLN A 32 -1.55 2.74 2.27
CA GLN A 32 -2.52 2.37 3.34
C GLN A 32 -3.45 1.24 2.88
N CYS A 33 -4.08 0.52 3.81
CA CYS A 33 -4.80 -0.74 3.57
C CYS A 33 -6.18 -0.84 4.27
N GLN A 34 -6.97 -1.84 3.84
CA GLN A 34 -8.32 -2.18 4.32
C GLN A 34 -8.37 -3.29 5.37
N GLY A 1 11.16 2.12 0.01
CA GLY A 1 10.78 2.17 1.44
C GLY A 1 9.43 2.82 1.62
N SER A 2 9.31 4.11 1.34
CA SER A 2 8.10 4.92 1.53
C SER A 2 7.47 5.44 0.23
N ALA A 3 8.08 5.23 -0.94
CA ALA A 3 7.48 5.48 -2.24
C ALA A 3 6.41 4.44 -2.59
N CYS A 4 5.40 4.83 -3.38
CA CYS A 4 4.32 3.94 -3.82
C CYS A 4 4.79 2.77 -4.72
N GLN A 5 4.05 1.65 -4.69
CA GLN A 5 4.37 0.41 -5.40
C GLN A 5 3.21 -0.06 -6.29
N PHE A 6 3.50 -0.74 -7.40
CA PHE A 6 2.48 -1.24 -8.34
C PHE A 6 1.52 -2.25 -7.71
N TRP A 7 2.06 -3.27 -7.04
CA TRP A 7 1.29 -4.34 -6.38
C TRP A 7 1.92 -4.85 -5.07
N SER A 8 3.21 -4.59 -4.83
CA SER A 8 3.89 -5.04 -3.61
C SER A 8 3.32 -4.38 -2.34
N CYS A 9 2.71 -3.19 -2.45
CA CYS A 9 1.96 -2.54 -1.36
C CYS A 9 0.81 -3.43 -0.88
N ASN A 10 0.03 -3.94 -1.82
CA ASN A 10 -1.13 -4.80 -1.62
C ASN A 10 -0.70 -6.11 -0.91
N SER A 11 0.34 -6.77 -1.41
CA SER A 11 0.90 -8.00 -0.82
C SER A 11 1.55 -7.77 0.56
N SER A 12 2.19 -6.61 0.76
CA SER A 12 2.75 -6.17 2.03
C SER A 12 1.65 -5.90 3.07
N CYS A 13 0.56 -5.24 2.69
CA CYS A 13 -0.63 -5.09 3.54
C CYS A 13 -1.23 -6.46 3.92
N ILE A 14 -1.33 -7.41 2.98
CA ILE A 14 -1.77 -8.78 3.26
C ILE A 14 -0.84 -9.48 4.27
N SER A 15 0.48 -9.22 4.22
CA SER A 15 1.43 -9.69 5.25
C SER A 15 1.15 -9.09 6.63
N ARG A 16 0.82 -7.79 6.71
CA ARG A 16 0.33 -7.14 7.94
C ARG A 16 -1.09 -7.58 8.37
N GLY A 17 -1.75 -8.47 7.64
CA GLY A 17 -3.06 -9.05 8.00
C GLY A 17 -4.27 -8.28 7.45
N TYR A 18 -4.05 -7.38 6.47
CA TYR A 18 -5.10 -6.62 5.80
C TYR A 18 -5.62 -7.39 4.56
N ARG A 19 -6.66 -6.88 3.92
CA ARG A 19 -7.30 -7.48 2.71
C ARG A 19 -6.72 -6.95 1.40
N GLN A 20 -6.44 -5.65 1.38
CA GLN A 20 -6.02 -4.83 0.23
C GLN A 20 -5.39 -3.53 0.73
N GLY A 21 -4.39 -2.98 0.02
CA GLY A 21 -3.84 -1.64 0.23
C GLY A 21 -3.25 -1.08 -1.05
N LYS A 22 -3.62 0.16 -1.43
CA LYS A 22 -3.34 0.74 -2.76
C LYS A 22 -2.83 2.18 -2.68
N CYS A 23 -1.95 2.57 -3.59
CA CYS A 23 -1.56 3.98 -3.75
C CYS A 23 -2.65 4.78 -4.50
N TRP A 24 -3.20 5.83 -3.89
CA TRP A 24 -4.20 6.71 -4.53
C TRP A 24 -4.26 8.15 -4.00
N GLY A 25 -3.91 8.40 -2.73
CA GLY A 25 -3.96 9.73 -2.12
C GLY A 25 -2.75 10.62 -2.45
N ILE A 26 -2.90 11.93 -2.30
CA ILE A 26 -1.79 12.91 -2.35
C ILE A 26 -1.03 12.83 -1.02
N GLN A 27 -0.03 11.95 -0.94
CA GLN A 27 0.67 11.55 0.28
C GLN A 27 2.03 10.90 0.00
N TYR A 28 3.07 11.32 0.75
CA TYR A 28 4.48 10.90 0.57
C TYR A 28 4.92 9.67 1.41
N LYS A 29 3.99 9.03 2.14
CA LYS A 29 4.20 7.82 2.94
C LYS A 29 3.86 6.53 2.17
N TYR A 30 4.27 5.39 2.71
CA TYR A 30 3.93 4.05 2.20
C TYR A 30 2.42 3.79 2.23
N CYS A 31 1.94 2.83 1.44
CA CYS A 31 0.51 2.59 1.25
C CYS A 31 -0.24 2.23 2.54
N GLN A 32 -1.49 2.69 2.63
CA GLN A 32 -2.46 2.34 3.68
C GLN A 32 -3.37 1.21 3.19
N CYS A 33 -4.09 0.56 4.10
CA CYS A 33 -4.81 -0.67 3.79
C CYS A 33 -6.24 -0.72 4.40
N GLN A 34 -7.01 -1.72 3.97
CA GLN A 34 -8.43 -1.95 4.27
C GLN A 34 -8.77 -3.45 4.39
N GLY A 1 13.61 11.70 -5.84
CA GLY A 1 12.90 10.88 -4.85
C GLY A 1 12.26 9.64 -5.44
N SER A 2 11.75 8.75 -4.59
CA SER A 2 11.06 7.51 -4.97
C SER A 2 9.57 7.70 -5.31
N ALA A 3 8.92 6.65 -5.81
CA ALA A 3 7.48 6.57 -6.10
C ALA A 3 6.85 5.30 -5.49
N CYS A 4 5.52 5.25 -5.37
CA CYS A 4 4.80 4.14 -4.74
C CYS A 4 4.88 2.81 -5.53
N GLN A 5 4.94 1.67 -4.82
CA GLN A 5 5.12 0.33 -5.42
C GLN A 5 3.94 -0.12 -6.28
N PHE A 6 4.20 -0.95 -7.29
CA PHE A 6 3.21 -1.45 -8.26
C PHE A 6 2.10 -2.28 -7.60
N TRP A 7 2.47 -3.32 -6.84
CA TRP A 7 1.55 -4.17 -6.05
C TRP A 7 2.17 -4.88 -4.84
N SER A 8 3.48 -4.76 -4.59
CA SER A 8 4.15 -5.41 -3.45
C SER A 8 3.58 -4.96 -2.09
N CYS A 9 3.06 -3.73 -1.99
CA CYS A 9 2.37 -3.24 -0.79
C CYS A 9 1.09 -4.03 -0.52
N ASN A 10 0.27 -4.31 -1.54
CA ASN A 10 -0.97 -5.06 -1.37
C ASN A 10 -0.71 -6.49 -0.88
N SER A 11 0.28 -7.18 -1.46
CA SER A 11 0.69 -8.52 -0.99
C SER A 11 1.23 -8.50 0.45
N SER A 12 2.03 -7.49 0.83
CA SER A 12 2.49 -7.27 2.21
C SER A 12 1.32 -7.07 3.18
N CYS A 13 0.34 -6.24 2.81
CA CYS A 13 -0.84 -5.99 3.64
C CYS A 13 -1.70 -7.24 3.85
N ILE A 14 -1.91 -8.05 2.80
CA ILE A 14 -2.58 -9.35 2.94
C ILE A 14 -1.79 -10.26 3.90
N SER A 15 -0.45 -10.24 3.88
CA SER A 15 0.36 -10.99 4.84
C SER A 15 0.26 -10.46 6.28
N ARG A 16 0.17 -9.13 6.48
CA ARG A 16 -0.19 -8.50 7.77
C ARG A 16 -1.58 -8.89 8.28
N GLY A 17 -2.44 -9.49 7.44
CA GLY A 17 -3.84 -9.77 7.76
C GLY A 17 -4.78 -8.59 7.52
N TYR A 18 -4.32 -7.53 6.82
CA TYR A 18 -5.20 -6.46 6.31
C TYR A 18 -5.92 -6.97 5.05
N ARG A 19 -6.84 -6.17 4.50
CA ARG A 19 -7.61 -6.56 3.31
C ARG A 19 -7.02 -6.00 2.01
N GLN A 20 -6.61 -4.72 1.98
CA GLN A 20 -5.86 -4.12 0.85
C GLN A 20 -4.96 -2.95 1.25
N GLY A 21 -3.84 -2.79 0.54
CA GLY A 21 -2.95 -1.62 0.55
C GLY A 21 -2.78 -1.01 -0.84
N LYS A 22 -3.23 0.23 -1.02
CA LYS A 22 -3.35 0.93 -2.31
C LYS A 22 -2.59 2.27 -2.30
N CYS A 23 -1.89 2.56 -3.40
CA CYS A 23 -1.15 3.80 -3.64
C CYS A 23 -2.09 4.97 -3.98
N TRP A 24 -2.78 5.52 -2.98
CA TRP A 24 -3.78 6.58 -3.15
C TRP A 24 -3.87 7.50 -1.93
N GLY A 25 -4.30 8.73 -2.18
CA GLY A 25 -4.60 9.73 -1.16
C GLY A 25 -4.62 11.15 -1.72
N ILE A 26 -5.44 12.01 -1.10
CA ILE A 26 -5.55 13.45 -1.42
C ILE A 26 -4.28 14.20 -1.04
N GLN A 27 -3.69 13.85 0.12
CA GLN A 27 -2.36 14.28 0.57
C GLN A 27 -1.28 13.24 0.22
N TYR A 28 -0.02 13.68 0.09
CA TYR A 28 1.10 12.78 -0.19
C TYR A 28 1.55 12.01 1.07
N LYS A 29 1.51 10.67 1.00
CA LYS A 29 1.86 9.73 2.08
C LYS A 29 2.14 8.33 1.55
N TYR A 30 3.19 7.69 2.07
CA TYR A 30 3.61 6.31 1.78
C TYR A 30 2.48 5.26 1.90
N CYS A 31 2.59 4.12 1.20
CA CYS A 31 1.53 3.10 1.12
C CYS A 31 1.19 2.45 2.48
N GLN A 32 -0.09 2.50 2.87
CA GLN A 32 -0.62 2.04 4.16
C GLN A 32 -2.00 1.37 4.01
N CYS A 33 -2.19 0.21 4.65
CA CYS A 33 -3.34 -0.67 4.42
C CYS A 33 -4.64 -0.33 5.17
N GLN A 34 -5.73 -1.00 4.76
CA GLN A 34 -7.06 -1.06 5.42
C GLN A 34 -7.60 -2.51 5.42
N GLY A 1 13.23 8.64 -4.43
CA GLY A 1 11.87 9.10 -4.14
C GLY A 1 11.36 8.45 -2.87
N SER A 2 10.58 7.38 -2.99
CA SER A 2 9.97 6.67 -1.86
C SER A 2 9.82 5.16 -2.13
N ALA A 3 9.49 4.41 -1.07
CA ALA A 3 9.10 2.99 -1.15
C ALA A 3 7.69 2.73 -1.72
N CYS A 4 7.01 3.71 -2.32
CA CYS A 4 5.68 3.55 -2.91
C CYS A 4 5.66 2.57 -4.10
N GLN A 5 5.11 1.36 -3.91
CA GLN A 5 4.96 0.35 -4.97
C GLN A 5 3.69 0.61 -5.82
N PHE A 6 3.62 0.08 -7.04
CA PHE A 6 2.44 0.20 -7.92
C PHE A 6 1.24 -0.61 -7.37
N TRP A 7 1.47 -1.89 -7.11
CA TRP A 7 0.51 -2.84 -6.54
C TRP A 7 1.12 -3.84 -5.55
N SER A 8 2.44 -4.06 -5.58
CA SER A 8 3.10 -5.09 -4.77
C SER A 8 3.04 -4.82 -3.25
N CYS A 9 2.65 -3.61 -2.82
CA CYS A 9 2.31 -3.35 -1.41
C CYS A 9 1.14 -4.22 -0.92
N ASN A 10 0.25 -4.67 -1.83
CA ASN A 10 -0.90 -5.50 -1.46
C ASN A 10 -0.50 -6.79 -0.71
N SER A 11 0.54 -7.49 -1.18
CA SER A 11 1.09 -8.68 -0.50
C SER A 11 1.74 -8.36 0.85
N SER A 12 2.34 -7.18 0.99
CA SER A 12 2.86 -6.66 2.27
C SER A 12 1.71 -6.39 3.26
N CYS A 13 0.61 -5.80 2.80
CA CYS A 13 -0.59 -5.57 3.60
C CYS A 13 -1.29 -6.88 4.02
N ILE A 14 -1.48 -7.84 3.10
CA ILE A 14 -2.10 -9.13 3.43
C ILE A 14 -1.25 -9.90 4.46
N SER A 15 0.08 -9.77 4.43
CA SER A 15 0.95 -10.30 5.50
C SER A 15 0.70 -9.67 6.87
N ARG A 16 0.36 -8.38 6.95
CA ARG A 16 -0.11 -7.72 8.19
C ARG A 16 -1.56 -8.05 8.57
N GLY A 17 -2.26 -8.88 7.80
CA GLY A 17 -3.66 -9.28 8.05
C GLY A 17 -4.71 -8.29 7.54
N TYR A 18 -4.37 -7.45 6.56
CA TYR A 18 -5.32 -6.55 5.89
C TYR A 18 -5.98 -7.23 4.68
N ARG A 19 -7.05 -6.62 4.14
CA ARG A 19 -7.77 -7.12 2.94
C ARG A 19 -7.12 -6.68 1.63
N GLN A 20 -6.77 -5.41 1.53
CA GLN A 20 -6.28 -4.72 0.32
C GLN A 20 -5.35 -3.55 0.73
N GLY A 21 -4.30 -3.24 -0.04
CA GLY A 21 -3.40 -2.10 0.17
C GLY A 21 -3.20 -1.18 -1.04
N LYS A 22 -2.97 0.12 -0.81
CA LYS A 22 -2.96 1.19 -1.83
C LYS A 22 -1.98 2.34 -1.50
N CYS A 23 -1.16 2.74 -2.47
CA CYS A 23 -0.31 3.95 -2.43
C CYS A 23 -0.91 5.12 -3.26
N TRP A 24 -2.21 5.33 -3.12
CA TRP A 24 -2.98 6.44 -3.68
C TRP A 24 -4.20 6.71 -2.78
N GLY A 25 -4.89 7.84 -2.97
CA GLY A 25 -6.13 8.18 -2.28
C GLY A 25 -6.01 9.48 -1.49
N ILE A 26 -5.53 9.40 -0.24
CA ILE A 26 -5.24 10.56 0.62
C ILE A 26 -3.73 10.77 0.88
N GLN A 27 -2.90 9.83 0.38
CA GLN A 27 -1.43 9.90 0.30
C GLN A 27 -0.97 9.22 -1.00
N TYR A 28 0.11 9.72 -1.61
CA TYR A 28 0.61 9.25 -2.92
C TYR A 28 2.11 8.88 -2.92
N LYS A 29 2.83 9.14 -1.81
CA LYS A 29 4.20 8.67 -1.55
C LYS A 29 4.28 7.59 -0.46
N TYR A 30 3.13 7.10 0.01
CA TYR A 30 3.00 6.14 1.12
C TYR A 30 1.77 5.22 0.98
N CYS A 31 1.97 3.92 1.23
CA CYS A 31 0.95 2.89 1.19
C CYS A 31 0.25 2.64 2.55
N GLN A 32 -1.09 2.59 2.54
CA GLN A 32 -1.94 2.15 3.65
C GLN A 32 -2.89 1.04 3.20
N CYS A 33 -3.58 0.37 4.14
CA CYS A 33 -4.37 -0.83 3.83
C CYS A 33 -5.72 -0.91 4.56
N GLN A 34 -6.61 -1.80 4.10
CA GLN A 34 -8.00 -1.97 4.52
C GLN A 34 -8.20 -3.02 5.62
N GLY A 1 13.43 9.35 -0.72
CA GLY A 1 12.60 8.74 0.33
C GLY A 1 11.54 7.82 -0.24
N SER A 2 10.47 7.55 0.51
CA SER A 2 9.48 6.52 0.16
C SER A 2 8.53 6.92 -0.98
N ALA A 3 8.11 5.94 -1.79
CA ALA A 3 7.20 6.09 -2.94
C ALA A 3 6.45 4.78 -3.25
N CYS A 4 5.28 4.86 -3.89
CA CYS A 4 4.41 3.71 -4.16
C CYS A 4 4.99 2.62 -5.09
N GLN A 5 4.36 1.43 -5.08
CA GLN A 5 4.68 0.26 -5.90
C GLN A 5 3.42 -0.39 -6.53
N PHE A 6 3.60 -1.22 -7.57
CA PHE A 6 2.51 -1.83 -8.34
C PHE A 6 1.63 -2.80 -7.51
N TRP A 7 2.24 -3.75 -6.80
CA TRP A 7 1.54 -4.73 -5.94
C TRP A 7 2.32 -5.18 -4.70
N SER A 8 3.60 -4.82 -4.56
CA SER A 8 4.39 -5.10 -3.36
C SER A 8 3.80 -4.50 -2.08
N CYS A 9 3.11 -3.34 -2.17
CA CYS A 9 2.40 -2.77 -1.03
C CYS A 9 1.25 -3.67 -0.59
N ASN A 10 0.42 -4.12 -1.54
CA ASN A 10 -0.72 -5.00 -1.26
C ASN A 10 -0.26 -6.37 -0.73
N SER A 11 0.77 -6.97 -1.32
CA SER A 11 1.33 -8.24 -0.85
C SER A 11 1.82 -8.16 0.60
N SER A 12 2.49 -7.07 0.98
CA SER A 12 2.84 -6.81 2.39
C SER A 12 1.59 -6.59 3.26
N CYS A 13 0.63 -5.77 2.84
CA CYS A 13 -0.62 -5.55 3.58
C CYS A 13 -1.38 -6.84 3.88
N ILE A 14 -1.49 -7.73 2.90
CA ILE A 14 -2.12 -9.06 3.04
C ILE A 14 -1.39 -9.88 4.12
N SER A 15 -0.06 -9.83 4.19
CA SER A 15 0.71 -10.50 5.27
C SER A 15 0.53 -9.85 6.66
N ARG A 16 0.31 -8.53 6.73
CA ARG A 16 -0.10 -7.80 7.94
C ARG A 16 -1.59 -7.98 8.29
N GLY A 17 -2.33 -8.84 7.60
CA GLY A 17 -3.71 -9.20 7.91
C GLY A 17 -4.78 -8.23 7.40
N TYR A 18 -4.45 -7.40 6.41
CA TYR A 18 -5.39 -6.51 5.72
C TYR A 18 -6.00 -7.20 4.48
N ARG A 19 -6.99 -6.56 3.87
CA ARG A 19 -7.69 -7.06 2.67
C ARG A 19 -7.11 -6.46 1.38
N GLN A 20 -6.80 -5.16 1.38
CA GLN A 20 -6.28 -4.45 0.21
C GLN A 20 -5.37 -3.25 0.54
N GLY A 21 -4.10 -3.31 0.14
CA GLY A 21 -3.17 -2.17 0.12
C GLY A 21 -3.38 -1.26 -1.11
N LYS A 22 -3.43 0.06 -0.90
CA LYS A 22 -3.55 1.09 -1.93
C LYS A 22 -2.45 2.15 -1.82
N CYS A 23 -2.11 2.77 -2.94
CA CYS A 23 -1.16 3.89 -2.98
C CYS A 23 -1.80 5.20 -2.46
N TRP A 24 -3.00 5.54 -2.92
CA TRP A 24 -3.60 6.85 -2.63
C TRP A 24 -4.13 6.98 -1.19
N GLY A 25 -4.12 8.20 -0.66
CA GLY A 25 -4.64 8.53 0.66
C GLY A 25 -4.34 9.98 1.09
N ILE A 26 -5.22 10.52 1.95
CA ILE A 26 -5.19 11.93 2.38
C ILE A 26 -4.19 12.21 3.53
N GLN A 27 -3.12 11.41 3.64
CA GLN A 27 -2.14 11.50 4.74
C GLN A 27 -0.67 11.46 4.28
N TYR A 28 -0.24 10.44 3.53
CA TYR A 28 1.19 10.16 3.26
C TYR A 28 1.53 9.96 1.78
N LYS A 29 2.82 10.10 1.44
CA LYS A 29 3.38 9.87 0.09
C LYS A 29 3.57 8.40 -0.32
N TYR A 30 3.32 7.48 0.61
CA TYR A 30 3.51 6.03 0.44
C TYR A 30 2.21 5.27 0.70
N CYS A 31 2.21 3.97 0.38
CA CYS A 31 1.06 3.08 0.50
C CYS A 31 0.47 2.99 1.93
N GLN A 32 -0.81 2.62 1.99
CA GLN A 32 -1.60 2.36 3.19
C GLN A 32 -2.59 1.20 2.93
N CYS A 33 -2.97 0.44 3.95
CA CYS A 33 -3.87 -0.71 3.78
C CYS A 33 -5.30 -0.47 4.27
N GLN A 34 -6.22 -1.29 3.75
CA GLN A 34 -7.64 -1.39 4.11
C GLN A 34 -7.98 -2.83 4.53
N GLY A 1 13.35 5.87 5.33
CA GLY A 1 12.39 6.74 4.61
C GLY A 1 10.96 6.25 4.77
N SER A 2 10.16 6.25 3.71
CA SER A 2 8.76 5.83 3.73
C SER A 2 8.31 5.22 2.39
N ALA A 3 7.99 3.93 2.41
CA ALA A 3 7.70 3.13 1.21
C ALA A 3 6.31 3.41 0.61
N CYS A 4 6.21 3.36 -0.71
CA CYS A 4 4.96 3.52 -1.46
C CYS A 4 5.01 2.70 -2.76
N GLN A 5 5.05 1.37 -2.62
CA GLN A 5 4.93 0.42 -3.76
C GLN A 5 3.51 0.47 -4.34
N PHE A 6 3.37 0.37 -5.67
CA PHE A 6 2.07 0.53 -6.35
C PHE A 6 1.05 -0.56 -5.97
N TRP A 7 1.47 -1.82 -6.05
CA TRP A 7 0.62 -3.02 -5.93
C TRP A 7 1.30 -4.15 -5.15
N SER A 8 2.64 -4.16 -5.07
CA SER A 8 3.39 -5.03 -4.15
C SER A 8 3.11 -4.66 -2.68
N CYS A 9 2.74 -3.41 -2.40
CA CYS A 9 2.22 -3.01 -1.09
C CYS A 9 0.90 -3.72 -0.78
N ASN A 10 -0.02 -3.90 -1.74
CA ASN A 10 -1.23 -4.70 -1.55
C ASN A 10 -0.89 -6.16 -1.22
N SER A 11 -0.05 -6.80 -2.05
CA SER A 11 0.37 -8.19 -1.88
C SER A 11 0.95 -8.46 -0.48
N SER A 12 1.84 -7.56 -0.03
CA SER A 12 2.50 -7.64 1.28
C SER A 12 1.61 -7.19 2.45
N CYS A 13 0.80 -6.12 2.31
CA CYS A 13 -0.17 -5.75 3.36
C CYS A 13 -1.21 -6.85 3.61
N ILE A 14 -1.68 -7.55 2.57
CA ILE A 14 -2.52 -8.75 2.74
C ILE A 14 -1.79 -9.79 3.61
N SER A 15 -0.49 -10.00 3.40
CA SER A 15 0.32 -10.86 4.28
C SER A 15 0.46 -10.33 5.71
N ARG A 16 0.65 -9.02 5.91
CA ARG A 16 0.60 -8.34 7.24
C ARG A 16 -0.82 -8.30 7.87
N GLY A 17 -1.80 -8.97 7.27
CA GLY A 17 -3.14 -9.18 7.82
C GLY A 17 -4.16 -8.10 7.46
N TYR A 18 -3.80 -7.13 6.61
CA TYR A 18 -4.72 -6.11 6.11
C TYR A 18 -5.69 -6.68 5.05
N ARG A 19 -6.73 -5.93 4.72
CA ARG A 19 -7.70 -6.26 3.65
C ARG A 19 -7.16 -5.87 2.28
N GLN A 20 -6.65 -4.65 2.19
CA GLN A 20 -6.13 -4.01 0.98
C GLN A 20 -5.08 -2.95 1.35
N GLY A 21 -4.00 -2.81 0.58
CA GLY A 21 -3.02 -1.73 0.65
C GLY A 21 -2.93 -0.88 -0.62
N LYS A 22 -2.81 0.45 -0.46
CA LYS A 22 -2.85 1.43 -1.56
C LYS A 22 -1.78 2.52 -1.38
N CYS A 23 -1.03 2.81 -2.44
CA CYS A 23 -0.14 3.96 -2.52
C CYS A 23 -0.86 5.20 -3.10
N TRP A 24 -1.94 5.00 -3.86
CA TRP A 24 -2.85 6.09 -4.27
C TRP A 24 -3.78 6.50 -3.12
N GLY A 25 -4.27 7.75 -3.14
CA GLY A 25 -5.26 8.27 -2.19
C GLY A 25 -4.97 9.69 -1.72
N ILE A 26 -5.43 10.03 -0.51
CA ILE A 26 -5.19 11.32 0.17
C ILE A 26 -3.70 11.52 0.52
N GLN A 27 -2.99 10.44 0.87
CA GLN A 27 -1.55 10.45 1.20
C GLN A 27 -0.70 9.85 0.06
N TYR A 28 0.53 10.36 -0.13
CA TYR A 28 1.47 9.95 -1.18
C TYR A 28 2.85 9.55 -0.66
N LYS A 29 3.29 10.02 0.52
CA LYS A 29 4.60 9.70 1.12
C LYS A 29 4.71 8.25 1.60
N TYR A 30 3.58 7.56 1.79
CA TYR A 30 3.50 6.24 2.42
C TYR A 30 2.29 5.46 1.88
N CYS A 31 2.45 4.16 1.61
CA CYS A 31 1.33 3.26 1.29
C CYS A 31 0.54 2.86 2.55
N GLN A 32 -0.75 3.22 2.61
CA GLN A 32 -1.64 2.97 3.73
C GLN A 32 -2.55 1.75 3.47
N CYS A 33 -2.81 0.92 4.49
CA CYS A 33 -3.56 -0.34 4.34
C CYS A 33 -4.71 -0.51 5.37
N GLN A 34 -5.72 -1.29 4.96
CA GLN A 34 -7.03 -1.43 5.61
C GLN A 34 -7.12 -2.51 6.69
N GLY A 1 11.59 11.36 -6.17
CA GLY A 1 11.92 10.10 -5.47
C GLY A 1 11.61 8.89 -6.33
N SER A 2 11.59 7.69 -5.75
CA SER A 2 11.10 6.46 -6.41
C SER A 2 9.59 6.30 -6.29
N ALA A 3 8.90 6.05 -7.41
CA ALA A 3 7.45 5.92 -7.50
C ALA A 3 6.89 4.64 -6.82
N CYS A 4 5.61 4.68 -6.43
CA CYS A 4 4.92 3.58 -5.76
C CYS A 4 4.80 2.32 -6.66
N GLN A 5 4.92 1.13 -6.06
CA GLN A 5 4.79 -0.16 -6.77
C GLN A 5 3.34 -0.45 -7.24
N PHE A 6 3.19 -1.31 -8.26
CA PHE A 6 1.91 -1.62 -8.91
C PHE A 6 0.91 -2.35 -8.00
N TRP A 7 1.37 -3.39 -7.29
CA TRP A 7 0.61 -4.19 -6.33
C TRP A 7 1.45 -4.78 -5.19
N SER A 8 2.79 -4.64 -5.23
CA SER A 8 3.71 -5.17 -4.22
C SER A 8 3.44 -4.73 -2.78
N CYS A 9 2.80 -3.58 -2.54
CA CYS A 9 2.36 -3.17 -1.19
C CYS A 9 1.41 -4.22 -0.57
N ASN A 10 0.54 -4.80 -1.39
CA ASN A 10 -0.45 -5.81 -0.99
C ASN A 10 0.20 -7.04 -0.32
N SER A 11 1.42 -7.40 -0.74
CA SER A 11 2.17 -8.54 -0.18
C SER A 11 2.54 -8.37 1.30
N SER A 12 2.71 -7.13 1.79
CA SER A 12 2.82 -6.86 3.23
C SER A 12 1.44 -6.71 3.89
N CYS A 13 0.50 -6.04 3.21
CA CYS A 13 -0.85 -5.83 3.72
C CYS A 13 -1.56 -7.14 4.11
N ILE A 14 -1.41 -8.20 3.29
CA ILE A 14 -1.98 -9.53 3.61
C ILE A 14 -1.40 -10.08 4.93
N SER A 15 -0.09 -9.97 5.14
CA SER A 15 0.55 -10.38 6.41
C SER A 15 0.15 -9.52 7.61
N ARG A 16 -0.14 -8.22 7.43
CA ARG A 16 -0.75 -7.36 8.46
C ARG A 16 -2.23 -7.69 8.76
N GLY A 17 -2.88 -8.53 7.96
CA GLY A 17 -4.30 -8.91 8.12
C GLY A 17 -5.29 -7.99 7.37
N TYR A 18 -4.92 -7.59 6.14
CA TYR A 18 -5.71 -6.75 5.24
C TYR A 18 -5.90 -7.44 3.88
N ARG A 19 -6.76 -6.90 3.00
CA ARG A 19 -6.96 -7.43 1.63
C ARG A 19 -5.87 -6.92 0.68
N GLN A 20 -5.74 -5.59 0.59
CA GLN A 20 -4.86 -4.86 -0.33
C GLN A 20 -4.47 -3.50 0.25
N GLY A 21 -3.42 -2.89 -0.32
CA GLY A 21 -3.01 -1.52 -0.03
C GLY A 21 -3.08 -0.57 -1.23
N LYS A 22 -3.19 0.73 -0.93
CA LYS A 22 -3.30 1.85 -1.88
C LYS A 22 -2.38 2.99 -1.44
N CYS A 23 -1.77 3.67 -2.41
CA CYS A 23 -0.89 4.82 -2.23
C CYS A 23 -1.39 6.07 -2.97
N TRP A 24 -2.20 5.92 -4.03
CA TRP A 24 -2.76 7.02 -4.80
C TRP A 24 -3.77 7.85 -4.01
N GLY A 25 -3.97 9.11 -4.42
CA GLY A 25 -4.79 10.11 -3.73
C GLY A 25 -4.00 10.99 -2.74
N ILE A 26 -2.73 10.66 -2.48
CA ILE A 26 -1.76 11.43 -1.65
C ILE A 26 -2.32 11.81 -0.27
N GLN A 27 -2.90 10.80 0.40
CA GLN A 27 -3.46 10.87 1.76
C GLN A 27 -2.37 10.80 2.83
N TYR A 28 -1.24 10.16 2.52
CA TYR A 28 -0.07 10.00 3.37
C TYR A 28 1.22 9.79 2.53
N LYS A 29 2.38 9.94 3.17
CA LYS A 29 3.72 9.82 2.58
C LYS A 29 4.02 8.43 1.97
N TYR A 30 3.29 7.39 2.39
CA TYR A 30 3.47 6.01 1.95
C TYR A 30 2.13 5.23 1.87
N CYS A 31 2.17 4.03 1.27
CA CYS A 31 1.03 3.14 1.08
C CYS A 31 0.32 2.81 2.40
N GLN A 32 -1.02 2.65 2.37
CA GLN A 32 -1.86 2.25 3.50
C GLN A 32 -2.86 1.18 3.07
N CYS A 33 -3.22 0.25 3.96
CA CYS A 33 -4.00 -0.94 3.62
C CYS A 33 -5.37 -1.03 4.30
N GLN A 34 -6.27 -1.86 3.74
CA GLN A 34 -7.55 -2.24 4.34
C GLN A 34 -7.93 -3.68 3.99
N GLY A 1 12.12 7.09 1.17
CA GLY A 1 12.95 6.24 0.29
C GLY A 1 12.29 6.06 -1.08
N SER A 2 12.14 4.81 -1.54
CA SER A 2 11.62 4.48 -2.88
C SER A 2 10.16 4.92 -3.12
N ALA A 3 9.69 4.92 -4.38
CA ALA A 3 8.33 5.32 -4.76
C ALA A 3 7.24 4.39 -4.17
N CYS A 4 6.01 4.91 -4.04
CA CYS A 4 4.86 4.19 -3.46
C CYS A 4 4.24 3.21 -4.48
N GLN A 5 4.05 1.94 -4.13
CA GLN A 5 3.46 0.96 -5.07
C GLN A 5 1.96 1.19 -5.31
N PHE A 6 1.61 1.59 -6.55
CA PHE A 6 0.25 1.95 -6.97
C PHE A 6 -0.83 0.96 -6.53
N TRP A 7 -0.54 -0.34 -6.69
CA TRP A 7 -1.45 -1.43 -6.34
C TRP A 7 -0.73 -2.69 -5.85
N SER A 8 0.58 -2.87 -6.12
CA SER A 8 1.38 -3.99 -5.59
C SER A 8 1.54 -3.95 -4.07
N CYS A 9 1.28 -2.80 -3.42
CA CYS A 9 1.24 -2.68 -1.95
C CYS A 9 0.26 -3.70 -1.31
N ASN A 10 -0.78 -4.13 -2.03
CA ASN A 10 -1.70 -5.20 -1.67
C ASN A 10 -1.00 -6.48 -1.17
N SER A 11 0.11 -6.88 -1.80
CA SER A 11 0.91 -8.05 -1.41
C SER A 11 1.56 -7.91 -0.03
N SER A 12 1.99 -6.70 0.35
CA SER A 12 2.45 -6.39 1.70
C SER A 12 1.26 -6.40 2.68
N CYS A 13 0.15 -5.76 2.34
CA CYS A 13 -1.03 -5.65 3.21
C CYS A 13 -1.58 -7.01 3.66
N ILE A 14 -1.66 -7.99 2.74
CA ILE A 14 -2.09 -9.35 3.06
C ILE A 14 -1.15 -10.01 4.09
N SER A 15 0.16 -9.71 4.07
CA SER A 15 1.10 -10.22 5.08
C SER A 15 0.95 -9.56 6.45
N ARG A 16 0.48 -8.30 6.50
CA ARG A 16 0.13 -7.58 7.74
C ARG A 16 -1.27 -7.91 8.26
N GLY A 17 -2.02 -8.81 7.60
CA GLY A 17 -3.35 -9.27 8.00
C GLY A 17 -4.48 -8.30 7.63
N TYR A 18 -4.33 -7.58 6.52
CA TYR A 18 -5.34 -6.70 5.93
C TYR A 18 -5.90 -7.29 4.63
N ARG A 19 -6.95 -6.68 4.07
CA ARG A 19 -7.54 -7.10 2.78
C ARG A 19 -6.84 -6.46 1.59
N GLN A 20 -6.72 -5.13 1.57
CA GLN A 20 -6.11 -4.35 0.48
C GLN A 20 -5.43 -3.07 0.98
N GLY A 21 -4.48 -2.54 0.21
CA GLY A 21 -3.90 -1.20 0.37
C GLY A 21 -3.23 -0.74 -0.95
N LYS A 22 -3.44 0.52 -1.33
CA LYS A 22 -3.11 1.08 -2.65
C LYS A 22 -2.56 2.52 -2.53
N CYS A 23 -1.52 2.87 -3.28
CA CYS A 23 -0.99 4.24 -3.34
C CYS A 23 -1.80 5.12 -4.33
N TRP A 24 -3.03 5.48 -3.97
CA TRP A 24 -3.96 6.27 -4.81
C TRP A 24 -4.02 7.77 -4.43
N GLY A 25 -3.45 8.16 -3.27
CA GLY A 25 -3.59 9.50 -2.70
C GLY A 25 -2.81 10.61 -3.40
N ILE A 26 -3.09 11.85 -3.02
CA ILE A 26 -2.37 13.07 -3.43
C ILE A 26 -1.26 13.43 -2.44
N GLN A 27 -1.48 13.23 -1.14
CA GLN A 27 -0.50 13.48 -0.08
C GLN A 27 0.73 12.56 -0.21
N TYR A 28 1.93 13.07 0.10
CA TYR A 28 3.21 12.35 -0.02
C TYR A 28 3.49 11.55 1.26
N LYS A 29 2.99 10.30 1.31
CA LYS A 29 3.01 9.40 2.49
C LYS A 29 3.28 7.94 2.11
N TYR A 30 3.83 7.15 3.03
CA TYR A 30 3.98 5.70 2.88
C TYR A 30 2.62 4.99 2.79
N CYS A 31 2.58 3.80 2.16
CA CYS A 31 1.33 3.05 1.92
C CYS A 31 0.60 2.60 3.21
N GLN A 32 -0.72 2.47 3.12
CA GLN A 32 -1.65 2.04 4.17
C GLN A 32 -2.71 1.07 3.63
N CYS A 33 -3.27 0.25 4.52
CA CYS A 33 -4.17 -0.85 4.19
C CYS A 33 -5.42 -0.91 5.10
N GLN A 34 -6.42 -1.72 4.71
CA GLN A 34 -7.63 -2.08 5.46
C GLN A 34 -8.06 -3.52 5.21
N GLY A 1 8.84 10.88 -7.87
CA GLY A 1 7.87 9.95 -7.27
C GLY A 1 8.57 8.67 -6.84
N SER A 2 8.03 7.52 -7.23
CA SER A 2 8.61 6.18 -7.00
C SER A 2 8.88 5.86 -5.52
N ALA A 3 7.98 6.28 -4.63
CA ALA A 3 8.00 5.98 -3.20
C ALA A 3 7.12 4.78 -2.82
N CYS A 4 6.14 4.43 -3.65
CA CYS A 4 5.23 3.28 -3.50
C CYS A 4 4.59 2.85 -4.84
N GLN A 5 4.23 1.57 -4.99
CA GLN A 5 3.42 1.09 -6.12
C GLN A 5 1.91 1.34 -5.91
N PHE A 6 1.16 1.54 -7.00
CA PHE A 6 -0.24 1.99 -6.97
C PHE A 6 -1.19 1.07 -6.20
N TRP A 7 -1.09 -0.25 -6.40
CA TRP A 7 -1.97 -1.25 -5.79
C TRP A 7 -1.26 -2.57 -5.52
N SER A 8 -0.20 -2.91 -6.25
CA SER A 8 0.52 -4.18 -6.01
C SER A 8 1.19 -4.25 -4.62
N CYS A 9 1.31 -3.11 -3.95
CA CYS A 9 1.72 -2.99 -2.54
C CYS A 9 0.84 -3.84 -1.60
N ASN A 10 -0.40 -4.18 -2.00
CA ASN A 10 -1.26 -5.08 -1.23
C ASN A 10 -0.62 -6.46 -0.94
N SER A 11 0.29 -6.96 -1.80
CA SER A 11 1.00 -8.22 -1.55
C SER A 11 1.71 -8.24 -0.19
N SER A 12 2.27 -7.10 0.23
CA SER A 12 2.86 -6.94 1.56
C SER A 12 1.80 -6.70 2.65
N CYS A 13 0.79 -5.87 2.38
CA CYS A 13 -0.27 -5.59 3.36
C CYS A 13 -1.12 -6.82 3.74
N ILE A 14 -1.26 -7.82 2.86
CA ILE A 14 -1.85 -9.12 3.21
C ILE A 14 -1.09 -9.77 4.38
N SER A 15 0.24 -9.73 4.38
CA SER A 15 1.05 -10.20 5.52
C SER A 15 0.84 -9.32 6.75
N ARG A 16 0.84 -7.98 6.61
CA ARG A 16 0.57 -7.03 7.71
C ARG A 16 -0.85 -7.10 8.31
N GLY A 17 -1.73 -7.98 7.81
CA GLY A 17 -3.07 -8.20 8.37
C GLY A 17 -4.14 -7.27 7.81
N TYR A 18 -4.09 -6.99 6.50
CA TYR A 18 -5.08 -6.24 5.75
C TYR A 18 -5.69 -7.09 4.62
N ARG A 19 -6.78 -6.61 4.00
CA ARG A 19 -7.41 -7.21 2.83
C ARG A 19 -7.00 -6.53 1.53
N GLN A 20 -7.05 -5.19 1.48
CA GLN A 20 -6.66 -4.38 0.32
C GLN A 20 -5.92 -3.10 0.69
N GLY A 21 -4.84 -2.81 -0.05
CA GLY A 21 -3.99 -1.62 0.04
C GLY A 21 -3.86 -0.79 -1.25
N LYS A 22 -3.63 0.53 -1.10
CA LYS A 22 -3.56 1.50 -2.21
C LYS A 22 -2.51 2.59 -1.97
N CYS A 23 -1.89 3.09 -3.05
CA CYS A 23 -0.93 4.20 -3.05
C CYS A 23 -0.87 4.86 -4.46
N TRP A 24 -2.05 5.13 -5.04
CA TRP A 24 -2.26 5.54 -6.44
C TRP A 24 -2.45 7.07 -6.63
N GLY A 25 -2.62 7.51 -7.89
CA GLY A 25 -3.08 8.86 -8.29
C GLY A 25 -2.46 10.02 -7.51
N ILE A 26 -3.24 10.64 -6.61
CA ILE A 26 -2.85 11.80 -5.79
C ILE A 26 -2.73 11.48 -4.28
N GLN A 27 -2.73 10.19 -3.90
CA GLN A 27 -2.61 9.73 -2.50
C GLN A 27 -1.23 10.05 -1.88
N TYR A 28 -1.15 10.05 -0.54
CA TYR A 28 0.12 10.19 0.19
C TYR A 28 1.07 9.01 -0.08
N LYS A 29 2.39 9.23 0.05
CA LYS A 29 3.45 8.29 -0.36
C LYS A 29 3.68 7.05 0.54
N TYR A 30 2.66 6.65 1.31
CA TYR A 30 2.64 5.48 2.19
C TYR A 30 1.44 4.59 1.83
N CYS A 31 1.65 3.28 1.69
CA CYS A 31 0.57 2.34 1.39
C CYS A 31 -0.39 2.20 2.58
N GLN A 32 -1.49 2.94 2.58
CA GLN A 32 -2.58 2.71 3.53
C GLN A 32 -3.34 1.46 3.08
N CYS A 33 -3.64 0.58 4.04
CA CYS A 33 -4.28 -0.70 3.78
C CYS A 33 -5.32 -1.00 4.84
N GLN A 34 -6.32 -1.84 4.50
CA GLN A 34 -7.48 -2.14 5.35
C GLN A 34 -7.92 -3.60 5.17
#